data_4IA4
#
_entry.id   4IA4
#
_cell.length_a   178.227
_cell.length_b   104.190
_cell.length_c   66.523
_cell.angle_alpha   90.00
_cell.angle_beta   90.00
_cell.angle_gamma   90.00
#
_symmetry.space_group_name_H-M   'P 21 21 2'
#
loop_
_entity.id
_entity.type
_entity.pdbx_description
1 polymer Aquaporin
2 non-polymer 'MERCURY (II) ION'
3 water water
#
_entity_poly.entity_id   1
_entity_poly.type   'polypeptide(L)'
_entity_poly.pdbx_seq_one_letter_code
;MSKEVSEEAQAHQHGKDYVDPPPAPFFDLGELKLWSFWRAAIAEFIATLLFLYITVATVIGHSKETVVCGSVGLLGIAWA
FGGMIFVLVYCTAGISGGHINPAVTFGLFLARKVSLLRALVYMIAQCLGAICGVGLVKAFMKGPYNQFGGGANSVALGYN
KGTALGAEIIGTFVLVYTVFSATDPKRSARDSHVPILAPLPIGFAVFMVHLATIPITGTGINPARSFGAAVIFNSNKVWD
DQWIFWVGPFIGAAVAAAYHQYVLRAAAIKALGSFRSNPTN
;
_entity_poly.pdbx_strand_id   A,B,C,D
#
loop_
_chem_comp.id
_chem_comp.type
_chem_comp.name
_chem_comp.formula
HG non-polymer 'MERCURY (II) ION' 'Hg 2'
#
# COMPACT_ATOMS: atom_id res chain seq x y z
N PRO A 25 16.97 21.84 29.63
CA PRO A 25 17.39 23.14 29.12
C PRO A 25 18.16 23.03 27.82
N PHE A 26 19.47 22.81 27.91
CA PHE A 26 20.31 22.67 26.73
C PHE A 26 21.49 21.69 26.72
N PHE A 27 22.53 22.03 27.47
CA PHE A 27 23.64 21.12 27.72
C PHE A 27 23.16 19.83 28.37
N ASP A 28 22.39 19.96 29.44
CA ASP A 28 21.86 18.81 30.16
C ASP A 28 22.63 17.61 30.69
N LEU A 29 23.68 17.89 31.45
CA LEU A 29 24.74 16.94 31.77
C LEU A 29 24.15 15.59 32.15
N GLY A 30 22.85 15.57 32.46
CA GLY A 30 22.24 14.43 33.14
C GLY A 30 21.71 13.39 32.18
N GLU A 31 21.56 13.79 30.93
CA GLU A 31 21.05 12.89 29.90
C GLU A 31 21.94 11.66 29.73
N LEU A 32 23.24 11.89 29.71
CA LEU A 32 24.21 10.80 29.55
C LEU A 32 23.93 9.75 30.60
N LYS A 33 23.80 10.22 31.85
CA LYS A 33 23.55 9.39 33.01
C LYS A 33 22.29 8.54 32.98
N LEU A 34 21.34 8.84 32.10
CA LEU A 34 20.13 8.03 32.03
C LEU A 34 20.35 6.73 31.26
N TRP A 35 19.71 5.66 31.71
CA TRP A 35 19.86 4.35 31.10
C TRP A 35 19.03 4.22 29.83
N SER A 36 17.93 4.95 29.76
CA SER A 36 17.08 4.91 28.58
C SER A 36 17.76 5.64 27.44
N PHE A 37 18.37 6.78 27.76
CA PHE A 37 19.06 7.58 26.75
C PHE A 37 19.98 6.75 25.88
N TRP A 38 20.75 5.86 26.50
CA TRP A 38 21.67 5.01 25.74
C TRP A 38 20.92 3.96 24.93
N ARG A 39 19.80 3.49 25.47
CA ARG A 39 18.98 2.51 24.79
C ARG A 39 18.55 3.08 23.43
N ALA A 40 17.98 4.27 23.46
CA ALA A 40 17.52 4.95 22.26
C ALA A 40 18.59 4.97 21.16
N ALA A 41 19.71 5.62 21.45
CA ALA A 41 20.81 5.70 20.50
C ALA A 41 21.08 4.35 19.85
N ILE A 42 20.94 3.27 20.61
CA ILE A 42 21.17 1.92 20.09
C ILE A 42 20.11 1.60 19.04
N ALA A 43 18.85 1.78 19.42
CA ALA A 43 17.74 1.52 18.52
C ALA A 43 18.05 2.26 17.22
N GLU A 44 18.28 3.56 17.35
CA GLU A 44 18.60 4.41 16.21
C GLU A 44 19.75 3.84 15.41
N PHE A 45 20.74 3.27 16.10
CA PHE A 45 21.89 2.68 15.42
C PHE A 45 21.53 1.40 14.68
N ILE A 46 20.77 0.53 15.35
CA ILE A 46 20.37 -0.72 14.74
C ILE A 46 19.38 -0.42 13.65
N ALA A 47 18.56 0.58 13.90
CA ALA A 47 17.52 1.02 12.96
C ALA A 47 18.12 1.45 11.62
N THR A 48 18.89 2.53 11.69
CA THR A 48 19.55 3.10 10.52
C THR A 48 20.36 2.02 9.79
N LEU A 49 20.91 1.08 10.55
CA LEU A 49 21.71 0.00 9.96
C LEU A 49 20.83 -0.83 9.03
N LEU A 50 19.74 -1.37 9.59
CA LEU A 50 18.81 -2.20 8.83
C LEU A 50 18.37 -1.46 7.57
N PHE A 51 17.85 -0.25 7.78
CA PHE A 51 17.38 0.60 6.69
C PHE A 51 18.29 0.54 5.47
N LEU A 52 19.56 0.94 5.66
CA LEU A 52 20.52 0.92 4.57
C LEU A 52 20.75 -0.48 4.02
N TYR A 53 20.83 -1.48 4.89
CA TYR A 53 21.05 -2.83 4.39
C TYR A 53 19.92 -3.21 3.43
N ILE A 54 18.68 -3.06 3.88
CA ILE A 54 17.53 -3.44 3.07
C ILE A 54 17.35 -2.63 1.79
N THR A 55 17.50 -1.31 1.88
CA THR A 55 17.33 -0.49 0.68
C THR A 55 18.45 -0.75 -0.32
N VAL A 56 19.68 -0.42 0.07
CA VAL A 56 20.85 -0.60 -0.79
C VAL A 56 20.90 -1.95 -1.50
N ALA A 57 20.63 -3.02 -0.75
CA ALA A 57 20.65 -4.37 -1.29
C ALA A 57 19.60 -4.51 -2.39
N THR A 58 18.50 -3.77 -2.24
CA THR A 58 17.43 -3.79 -3.21
C THR A 58 17.87 -3.10 -4.49
N VAL A 59 18.57 -1.98 -4.30
CA VAL A 59 19.09 -1.18 -5.39
C VAL A 59 20.03 -1.99 -6.25
N ILE A 60 20.98 -2.64 -5.60
CA ILE A 60 21.95 -3.45 -6.30
C ILE A 60 21.25 -4.58 -7.05
N GLY A 61 20.56 -5.43 -6.29
CA GLY A 61 19.84 -6.56 -6.86
C GLY A 61 19.09 -6.19 -8.11
N HIS A 62 18.67 -4.93 -8.15
CA HIS A 62 17.94 -4.42 -9.30
C HIS A 62 18.87 -4.19 -10.48
N SER A 63 19.93 -3.45 -10.20
CA SER A 63 20.94 -3.08 -11.17
C SER A 63 21.69 -4.26 -11.79
N LYS A 64 22.10 -5.19 -10.93
CA LYS A 64 22.82 -6.38 -11.37
C LYS A 64 21.93 -7.38 -12.09
N GLU A 65 20.65 -7.07 -12.22
CA GLU A 65 19.76 -7.99 -12.89
C GLU A 65 20.08 -8.01 -14.38
N THR A 66 20.01 -9.21 -14.97
CA THR A 66 20.30 -9.41 -16.40
C THR A 66 19.02 -9.44 -17.25
N VAL A 67 18.00 -10.09 -16.72
CA VAL A 67 16.73 -10.20 -17.41
C VAL A 67 16.04 -8.83 -17.48
N VAL A 68 15.31 -8.59 -18.56
CA VAL A 68 14.58 -7.33 -18.68
C VAL A 68 13.34 -7.45 -17.82
N CYS A 69 13.19 -6.55 -16.86
CA CYS A 69 12.04 -6.55 -15.97
C CYS A 69 12.23 -7.63 -14.92
N GLY A 70 13.36 -8.31 -15.02
CA GLY A 70 13.68 -9.38 -14.09
C GLY A 70 13.83 -8.91 -12.66
N SER A 71 13.94 -7.60 -12.44
CA SER A 71 14.11 -7.06 -11.09
C SER A 71 12.78 -6.49 -10.63
N VAL A 72 12.78 -5.95 -9.40
CA VAL A 72 11.57 -5.36 -8.82
C VAL A 72 11.27 -3.96 -9.40
N GLY A 73 12.23 -3.40 -10.11
CA GLY A 73 12.01 -2.10 -10.72
C GLY A 73 12.30 -0.99 -9.73
N LEU A 74 12.38 0.23 -10.26
CA LEU A 74 12.65 1.35 -9.38
C LEU A 74 11.51 1.47 -8.38
N LEU A 75 10.31 1.05 -8.80
CA LEU A 75 9.14 1.11 -7.93
C LEU A 75 9.45 0.33 -6.67
N GLY A 76 10.02 -0.87 -6.85
CA GLY A 76 10.38 -1.68 -5.69
C GLY A 76 11.37 -0.93 -4.80
N ILE A 77 12.35 -0.28 -5.43
CA ILE A 77 13.35 0.48 -4.69
C ILE A 77 12.67 1.56 -3.86
N ALA A 78 11.83 2.36 -4.53
CA ALA A 78 11.10 3.42 -3.85
C ALA A 78 10.41 2.78 -2.65
N TRP A 79 9.61 1.73 -2.91
CA TRP A 79 8.93 1.02 -1.85
C TRP A 79 9.87 0.60 -0.75
N ALA A 80 11.02 0.06 -1.13
CA ALA A 80 12.01 -0.38 -0.15
C ALA A 80 12.33 0.73 0.84
N PHE A 81 12.55 1.93 0.30
CA PHE A 81 12.88 3.08 1.12
C PHE A 81 11.71 3.57 2.00
N GLY A 82 10.53 3.68 1.41
CA GLY A 82 9.39 4.14 2.18
C GLY A 82 8.96 3.06 3.16
N GLY A 83 8.77 1.85 2.64
CA GLY A 83 8.34 0.73 3.44
C GLY A 83 9.24 0.54 4.64
N MET A 84 10.55 0.48 4.40
CA MET A 84 11.46 0.31 5.51
C MET A 84 11.26 1.35 6.61
N ILE A 85 11.22 2.62 6.21
CA ILE A 85 11.02 3.73 7.15
C ILE A 85 9.77 3.44 7.96
N PHE A 86 8.69 3.14 7.26
CA PHE A 86 7.44 2.84 7.92
C PHE A 86 7.66 1.82 9.01
N VAL A 87 8.06 0.62 8.60
CA VAL A 87 8.32 -0.47 9.52
C VAL A 87 9.32 -0.04 10.58
N LEU A 88 10.51 0.37 10.19
CA LEU A 88 11.49 0.78 11.17
C LEU A 88 10.95 1.77 12.19
N VAL A 89 10.28 2.82 11.72
CA VAL A 89 9.74 3.83 12.63
C VAL A 89 8.65 3.26 13.54
N TYR A 90 7.96 2.23 13.09
CA TYR A 90 6.93 1.61 13.90
C TYR A 90 7.58 0.85 15.08
N CYS A 91 8.74 0.25 14.80
CA CYS A 91 9.48 -0.51 15.79
C CYS A 91 10.27 0.39 16.74
N THR A 92 10.58 1.61 16.31
CA THR A 92 11.39 2.49 17.14
C THR A 92 10.78 3.78 17.71
N ALA A 93 9.49 3.98 17.57
CA ALA A 93 8.87 5.20 18.09
C ALA A 93 8.94 5.22 19.60
N GLY A 94 8.32 4.22 20.21
CA GLY A 94 8.28 4.11 21.66
C GLY A 94 9.64 4.08 22.35
N ILE A 95 10.65 3.58 21.67
CA ILE A 95 11.98 3.52 22.26
C ILE A 95 12.79 4.77 22.04
N SER A 96 13.11 5.07 20.78
CA SER A 96 13.92 6.23 20.46
C SER A 96 13.16 7.45 19.90
N GLY A 97 11.96 7.24 19.39
CA GLY A 97 11.20 8.33 18.80
C GLY A 97 11.24 8.17 17.29
N GLY A 98 11.79 7.03 16.86
CA GLY A 98 11.89 6.69 15.45
C GLY A 98 12.33 7.76 14.45
N HIS A 99 13.57 8.22 14.56
CA HIS A 99 14.07 9.21 13.62
C HIS A 99 14.70 8.57 12.40
N ILE A 100 15.78 7.80 12.63
CA ILE A 100 16.51 7.10 11.57
C ILE A 100 17.05 8.11 10.56
N ASN A 101 16.98 9.40 10.88
CA ASN A 101 17.39 10.39 9.92
C ASN A 101 17.90 11.69 10.56
N PRO A 102 19.13 12.09 10.23
CA PRO A 102 19.71 13.31 10.78
C PRO A 102 18.79 14.50 10.53
N ALA A 103 18.33 14.64 9.30
CA ALA A 103 17.44 15.73 8.92
C ALA A 103 16.22 15.77 9.82
N VAL A 104 15.67 14.59 10.13
CA VAL A 104 14.50 14.50 10.99
C VAL A 104 14.85 14.87 12.44
N THR A 105 16.04 14.49 12.85
CA THR A 105 16.50 14.79 14.19
C THR A 105 16.77 16.28 14.25
N PHE A 106 17.50 16.78 13.24
CA PHE A 106 17.82 18.20 13.18
C PHE A 106 16.54 19.01 13.24
N GLY A 107 15.59 18.68 12.36
CA GLY A 107 14.33 19.40 12.33
C GLY A 107 13.63 19.36 13.67
N LEU A 108 13.66 18.20 14.32
CA LEU A 108 13.01 18.06 15.61
C LEU A 108 13.81 18.74 16.72
N PHE A 109 15.09 18.97 16.46
CA PHE A 109 15.94 19.64 17.45
C PHE A 109 15.58 21.14 17.41
N LEU A 110 15.46 21.72 16.21
CA LEU A 110 15.12 23.14 16.06
C LEU A 110 13.76 23.45 16.68
N ALA A 111 12.93 22.43 16.82
CA ALA A 111 11.61 22.60 17.41
C ALA A 111 11.67 22.34 18.90
N ARG A 112 12.91 22.26 19.41
CA ARG A 112 13.18 21.99 20.83
C ARG A 112 12.42 20.81 21.39
N LYS A 113 12.38 19.72 20.62
CA LYS A 113 11.70 18.50 21.04
C LYS A 113 12.76 17.42 21.32
N VAL A 114 13.98 17.71 20.88
CA VAL A 114 15.15 16.85 21.06
C VAL A 114 16.29 17.75 21.53
N SER A 115 16.83 17.47 22.71
CA SER A 115 17.92 18.26 23.29
C SER A 115 19.18 18.24 22.43
N LEU A 116 20.01 19.26 22.57
CA LEU A 116 21.25 19.32 21.80
C LEU A 116 22.09 18.07 21.99
N LEU A 117 22.03 17.49 23.18
CA LEU A 117 22.84 16.31 23.48
C LEU A 117 22.33 15.10 22.70
N ARG A 118 21.04 14.84 22.82
CA ARG A 118 20.35 13.74 22.17
C ARG A 118 20.41 13.83 20.64
N ALA A 119 20.44 15.05 20.13
CA ALA A 119 20.50 15.25 18.69
C ALA A 119 21.87 14.84 18.17
N LEU A 120 22.92 15.20 18.91
CA LEU A 120 24.28 14.86 18.52
C LEU A 120 24.56 13.37 18.61
N VAL A 121 24.05 12.75 19.67
CA VAL A 121 24.21 11.31 19.88
C VAL A 121 23.43 10.56 18.81
N TYR A 122 22.22 11.04 18.55
CA TYR A 122 21.37 10.43 17.54
C TYR A 122 22.04 10.42 16.18
N MET A 123 22.54 11.57 15.76
CA MET A 123 23.18 11.64 14.46
C MET A 123 24.40 10.75 14.30
N ILE A 124 25.21 10.65 15.35
CA ILE A 124 26.39 9.79 15.29
C ILE A 124 25.88 8.36 15.08
N ALA A 125 24.94 7.95 15.94
CA ALA A 125 24.34 6.62 15.89
C ALA A 125 23.75 6.32 14.51
N GLN A 126 23.17 7.35 13.88
CA GLN A 126 22.56 7.23 12.55
C GLN A 126 23.61 7.14 11.44
N CYS A 127 24.73 7.84 11.63
CA CYS A 127 25.82 7.78 10.65
C CYS A 127 26.55 6.46 10.80
N LEU A 128 26.82 6.08 12.05
CA LEU A 128 27.50 4.84 12.35
C LEU A 128 26.63 3.62 12.03
N GLY A 129 25.31 3.79 12.08
CA GLY A 129 24.44 2.68 11.76
C GLY A 129 24.38 2.52 10.26
N ALA A 130 24.48 3.65 9.56
CA ALA A 130 24.45 3.67 8.11
C ALA A 130 25.57 2.98 7.35
N ILE A 131 26.80 3.44 7.57
CA ILE A 131 27.99 2.81 7.03
C ILE A 131 28.02 1.29 7.24
N CYS A 132 27.67 0.84 8.44
CA CYS A 132 27.63 -0.59 8.75
C CYS A 132 26.67 -1.28 7.79
N GLY A 133 25.48 -0.68 7.66
CA GLY A 133 24.47 -1.25 6.79
C GLY A 133 24.92 -1.35 5.36
N VAL A 134 25.53 -0.27 4.85
CA VAL A 134 26.04 -0.26 3.48
C VAL A 134 27.17 -1.27 3.35
N GLY A 135 28.11 -1.22 4.28
CA GLY A 135 29.22 -2.15 4.24
C GLY A 135 28.71 -3.58 4.24
N LEU A 136 27.70 -3.85 5.06
CA LEU A 136 27.12 -5.19 5.17
C LEU A 136 26.61 -5.68 3.82
N VAL A 137 26.22 -4.74 2.96
CA VAL A 137 25.74 -5.09 1.63
C VAL A 137 26.97 -5.52 0.83
N LYS A 138 27.94 -4.61 0.73
CA LYS A 138 29.19 -4.86 0.00
C LYS A 138 29.73 -6.26 0.30
N ALA A 139 29.86 -6.57 1.59
CA ALA A 139 30.35 -7.86 2.02
C ALA A 139 29.56 -9.03 1.41
N PHE A 140 28.26 -8.86 1.26
CA PHE A 140 27.40 -9.90 0.72
C PHE A 140 27.53 -10.01 -0.79
N MET A 141 27.65 -8.87 -1.47
CA MET A 141 27.77 -8.86 -2.92
C MET A 141 28.72 -7.76 -3.39
N LYS A 142 29.99 -7.88 -3.01
CA LYS A 142 31.01 -6.91 -3.41
C LYS A 142 31.06 -6.72 -4.93
N GLY A 143 30.98 -7.83 -5.66
CA GLY A 143 31.01 -7.74 -7.10
C GLY A 143 30.10 -6.79 -7.86
N PRO A 144 28.78 -7.05 -7.85
CA PRO A 144 27.77 -6.12 -8.37
C PRO A 144 27.67 -4.82 -7.57
N TYR A 145 28.03 -4.89 -6.29
CA TYR A 145 27.97 -3.71 -5.46
C TYR A 145 28.86 -2.59 -5.96
N ASN A 146 30.09 -2.93 -6.33
CA ASN A 146 31.03 -1.93 -6.81
C ASN A 146 30.73 -1.60 -8.26
N GLN A 147 30.27 -2.59 -8.99
CA GLN A 147 29.97 -2.41 -10.41
C GLN A 147 28.76 -1.52 -10.71
N PHE A 148 27.83 -1.42 -9.74
CA PHE A 148 26.60 -0.63 -9.92
C PHE A 148 26.32 0.53 -8.99
N GLY A 149 27.20 1.53 -9.05
CA GLY A 149 27.04 2.73 -8.24
C GLY A 149 27.07 2.60 -6.74
N GLY A 150 27.28 1.38 -6.22
CA GLY A 150 27.33 1.18 -4.78
C GLY A 150 26.11 1.71 -4.05
N GLY A 151 25.09 2.12 -4.81
CA GLY A 151 23.86 2.65 -4.24
C GLY A 151 24.03 3.97 -3.51
N ALA A 152 25.01 4.76 -3.92
CA ALA A 152 25.24 6.04 -3.28
C ALA A 152 24.66 7.15 -4.13
N ASN A 153 24.28 8.24 -3.48
CA ASN A 153 23.69 9.38 -4.16
C ASN A 153 24.72 10.29 -4.85
N SER A 154 24.36 10.74 -6.04
CA SER A 154 25.17 11.63 -6.85
C SER A 154 24.25 12.28 -7.87
N VAL A 155 24.59 13.45 -8.36
CA VAL A 155 23.75 14.09 -9.36
C VAL A 155 23.90 13.26 -10.65
N ALA A 156 22.80 12.99 -11.35
CA ALA A 156 22.86 12.19 -12.57
C ALA A 156 23.07 13.10 -13.76
N LEU A 157 23.45 12.52 -14.90
CA LEU A 157 23.67 13.31 -16.12
C LEU A 157 22.41 14.05 -16.53
N GLY A 158 22.56 15.32 -16.85
CA GLY A 158 21.42 16.12 -17.27
C GLY A 158 20.96 17.14 -16.24
N TYR A 159 21.30 16.93 -14.97
CA TYR A 159 20.86 17.86 -13.92
C TYR A 159 22.00 18.69 -13.31
N ASN A 160 21.77 19.99 -13.14
CA ASN A 160 22.78 20.84 -12.54
C ASN A 160 22.76 20.76 -11.02
N LYS A 161 23.94 20.72 -10.41
CA LYS A 161 24.05 20.65 -8.97
C LYS A 161 23.04 21.54 -8.24
N GLY A 162 22.67 22.64 -8.88
CA GLY A 162 21.71 23.54 -8.27
C GLY A 162 20.34 22.89 -8.15
N THR A 163 19.91 22.22 -9.20
CA THR A 163 18.63 21.54 -9.21
C THR A 163 18.65 20.42 -8.19
N ALA A 164 19.76 19.69 -8.14
CA ALA A 164 19.92 18.59 -7.20
C ALA A 164 19.70 19.08 -5.77
N LEU A 165 20.24 20.24 -5.45
CA LEU A 165 20.10 20.79 -4.11
C LEU A 165 18.64 21.19 -3.83
N GLY A 166 17.98 21.76 -4.83
CA GLY A 166 16.59 22.16 -4.64
C GLY A 166 15.69 20.96 -4.43
N ALA A 167 15.79 20.00 -5.35
CA ALA A 167 15.00 18.79 -5.27
C ALA A 167 15.21 18.09 -3.92
N GLU A 168 16.41 18.26 -3.35
CA GLU A 168 16.78 17.65 -2.07
C GLU A 168 16.28 18.45 -0.87
N ILE A 169 16.16 19.76 -1.06
CA ILE A 169 15.66 20.65 -0.01
C ILE A 169 14.15 20.50 0.05
N ILE A 170 13.55 20.49 -1.14
CA ILE A 170 12.11 20.37 -1.32
C ILE A 170 11.61 18.97 -0.95
N GLY A 171 12.39 17.95 -1.28
CA GLY A 171 12.00 16.58 -0.97
C GLY A 171 12.07 16.28 0.51
N THR A 172 13.01 16.92 1.20
CA THR A 172 13.17 16.72 2.64
C THR A 172 12.07 17.46 3.40
N PHE A 173 11.63 18.58 2.82
CA PHE A 173 10.57 19.40 3.40
C PHE A 173 9.31 18.55 3.54
N VAL A 174 9.07 17.73 2.53
CA VAL A 174 7.92 16.84 2.51
C VAL A 174 8.09 15.84 3.63
N LEU A 175 9.31 15.32 3.79
CA LEU A 175 9.55 14.36 4.84
C LEU A 175 9.36 14.96 6.23
N VAL A 176 10.07 16.05 6.51
CA VAL A 176 10.02 16.73 7.80
C VAL A 176 8.65 17.32 8.15
N TYR A 177 7.94 17.86 7.15
CA TYR A 177 6.63 18.43 7.41
C TYR A 177 5.67 17.32 7.85
N THR A 178 5.87 16.09 7.35
CA THR A 178 5.00 14.98 7.72
C THR A 178 5.36 14.52 9.12
N VAL A 179 6.65 14.35 9.36
CA VAL A 179 7.09 13.95 10.67
C VAL A 179 6.41 14.88 11.66
N PHE A 180 6.46 16.19 11.39
CA PHE A 180 5.83 17.18 12.28
C PHE A 180 4.33 16.99 12.39
N SER A 181 3.70 16.55 11.30
CA SER A 181 2.26 16.35 11.29
C SER A 181 1.85 15.02 11.94
N ALA A 182 2.79 14.09 12.03
CA ALA A 182 2.50 12.80 12.63
C ALA A 182 2.76 12.85 14.14
N THR A 183 3.44 13.91 14.57
CA THR A 183 3.77 14.15 15.97
C THR A 183 2.58 13.99 16.93
N ASP A 184 2.70 13.06 17.87
CA ASP A 184 1.65 12.83 18.87
C ASP A 184 1.78 13.94 19.89
N PRO A 185 0.67 14.48 20.39
CA PRO A 185 0.85 15.56 21.38
C PRO A 185 0.89 15.14 22.87
N LYS A 186 -0.11 14.37 23.32
CA LYS A 186 -0.20 13.92 24.71
C LYS A 186 0.53 12.60 25.01
N ARG A 187 1.38 12.17 24.08
CA ARG A 187 2.14 10.93 24.24
C ARG A 187 3.62 11.14 23.95
N SER A 188 4.47 10.35 24.61
CA SER A 188 5.92 10.45 24.42
C SER A 188 6.56 9.06 24.41
N ALA A 189 7.88 9.02 24.27
CA ALA A 189 8.61 7.76 24.24
C ALA A 189 8.76 7.29 25.68
N ARG A 190 9.53 6.22 25.88
CA ARG A 190 9.58 5.49 27.14
C ARG A 190 9.78 6.32 28.41
N ASP A 191 10.97 6.90 28.56
CA ASP A 191 11.24 7.81 29.65
C ASP A 191 11.68 9.21 29.22
N SER A 192 12.13 9.33 27.97
CA SER A 192 12.42 10.62 27.37
C SER A 192 11.12 11.32 27.06
N HIS A 193 11.13 12.64 27.12
CA HIS A 193 9.93 13.40 26.83
C HIS A 193 9.92 13.77 25.34
N VAL A 194 10.27 12.79 24.52
CA VAL A 194 10.31 12.92 23.07
C VAL A 194 9.09 12.23 22.45
N PRO A 195 8.39 12.94 21.55
CA PRO A 195 7.19 12.52 20.83
C PRO A 195 7.20 11.23 19.99
N ILE A 196 6.14 10.44 20.12
CA ILE A 196 5.99 9.22 19.33
C ILE A 196 5.44 9.73 17.99
N LEU A 197 5.86 9.10 16.89
CA LEU A 197 5.40 9.51 15.57
C LEU A 197 4.53 8.40 14.97
N ALA A 198 3.56 8.78 14.14
CA ALA A 198 2.69 7.81 13.46
C ALA A 198 3.39 7.48 12.15
N PRO A 199 3.94 6.25 12.06
CA PRO A 199 4.69 5.61 10.98
C PRO A 199 4.18 5.61 9.55
N LEU A 200 2.96 5.15 9.34
CA LEU A 200 2.46 5.08 7.99
C LEU A 200 2.60 6.30 7.07
N PRO A 201 2.22 7.51 7.52
CA PRO A 201 2.31 8.72 6.70
C PRO A 201 3.75 9.06 6.32
N ILE A 202 4.61 8.97 7.33
CA ILE A 202 6.03 9.24 7.17
C ILE A 202 6.63 8.33 6.09
N GLY A 203 6.32 7.04 6.14
CA GLY A 203 6.85 6.10 5.16
C GLY A 203 6.41 6.47 3.76
N PHE A 204 5.14 6.85 3.65
CA PHE A 204 4.59 7.25 2.38
C PHE A 204 5.25 8.54 1.89
N ALA A 205 5.57 9.42 2.82
CA ALA A 205 6.26 10.64 2.42
C ALA A 205 7.51 10.12 1.71
N VAL A 206 8.37 9.43 2.47
CA VAL A 206 9.61 8.84 1.94
C VAL A 206 9.39 8.09 0.62
N PHE A 207 8.33 7.28 0.57
CA PHE A 207 8.02 6.56 -0.65
C PHE A 207 7.77 7.56 -1.78
N MET A 208 6.83 8.48 -1.56
CA MET A 208 6.50 9.46 -2.60
C MET A 208 7.72 10.23 -3.11
N VAL A 209 8.42 10.90 -2.22
CA VAL A 209 9.58 11.69 -2.63
C VAL A 209 10.57 10.88 -3.45
N HIS A 210 10.68 9.60 -3.12
CA HIS A 210 11.59 8.72 -3.83
C HIS A 210 11.13 8.55 -5.25
N LEU A 211 9.82 8.43 -5.42
CA LEU A 211 9.24 8.29 -6.74
C LEU A 211 9.48 9.48 -7.64
N ALA A 212 9.74 10.64 -7.06
CA ALA A 212 9.95 11.80 -7.91
C ALA A 212 11.38 12.27 -7.97
N THR A 213 12.17 11.92 -6.95
CA THR A 213 13.55 12.37 -6.92
C THR A 213 14.60 11.35 -7.32
N ILE A 214 14.24 10.07 -7.35
CA ILE A 214 15.22 9.05 -7.73
C ILE A 214 15.95 9.34 -9.04
N PRO A 215 15.22 9.72 -10.11
CA PRO A 215 15.82 10.03 -11.42
C PRO A 215 16.81 11.18 -11.39
N ILE A 216 16.70 12.04 -10.39
CA ILE A 216 17.59 13.18 -10.26
C ILE A 216 18.85 12.81 -9.49
N THR A 217 18.68 12.36 -8.25
CA THR A 217 19.80 11.97 -7.41
C THR A 217 19.51 10.68 -6.65
N GLY A 218 18.35 10.11 -6.92
CA GLY A 218 17.94 8.87 -6.26
C GLY A 218 17.36 9.16 -4.89
N THR A 219 16.88 10.39 -4.71
CA THR A 219 16.09 10.78 -3.55
C THR A 219 16.68 10.61 -2.15
N GLY A 220 17.59 11.49 -1.78
CA GLY A 220 18.36 11.36 -0.56
C GLY A 220 17.59 11.67 0.72
N ILE A 221 17.36 12.96 0.96
CA ILE A 221 16.59 13.40 2.12
C ILE A 221 17.03 12.67 3.38
N ASN A 222 18.27 12.18 3.38
CA ASN A 222 18.80 11.46 4.53
C ASN A 222 20.33 11.53 4.58
N PRO A 223 20.85 12.51 5.29
CA PRO A 223 22.31 12.68 5.41
C PRO A 223 23.00 11.37 5.75
N ALA A 224 22.47 10.69 6.77
CA ALA A 224 23.01 9.42 7.23
C ALA A 224 23.06 8.42 6.09
N ARG A 225 21.96 8.28 5.37
CA ARG A 225 21.88 7.34 4.27
C ARG A 225 22.83 7.66 3.10
N SER A 226 23.05 8.94 2.81
CA SER A 226 23.93 9.34 1.72
C SER A 226 25.40 9.17 2.09
N PHE A 227 25.75 9.68 3.27
CA PHE A 227 27.10 9.63 3.82
C PHE A 227 27.62 8.20 3.90
N GLY A 228 26.83 7.31 4.51
CA GLY A 228 27.24 5.92 4.63
C GLY A 228 27.52 5.22 3.32
N ALA A 229 26.77 5.58 2.27
CA ALA A 229 26.94 4.99 0.95
C ALA A 229 28.17 5.58 0.23
N ALA A 230 28.52 6.82 0.58
CA ALA A 230 29.68 7.49 -0.01
C ALA A 230 30.94 6.94 0.66
N VAL A 231 30.82 6.66 1.95
CA VAL A 231 31.91 6.10 2.71
C VAL A 231 32.28 4.76 2.08
N ILE A 232 31.39 3.79 2.20
CA ILE A 232 31.59 2.44 1.67
C ILE A 232 31.91 2.31 0.16
N PHE A 233 31.30 3.14 -0.67
CA PHE A 233 31.55 3.05 -2.12
C PHE A 233 32.88 3.71 -2.49
N ASN A 234 33.24 4.75 -1.74
CA ASN A 234 34.49 5.49 -1.95
C ASN A 234 34.96 6.03 -3.29
N SER A 235 34.16 6.91 -3.88
CA SER A 235 34.39 7.36 -5.25
C SER A 235 34.53 8.86 -5.16
N ASN A 236 35.32 9.46 -6.05
CA ASN A 236 35.50 10.90 -6.02
C ASN A 236 34.24 11.56 -6.56
N LYS A 237 33.83 11.13 -7.76
CA LYS A 237 32.64 11.67 -8.40
C LYS A 237 31.55 11.76 -7.34
N VAL A 238 31.45 10.72 -6.53
CA VAL A 238 30.47 10.65 -5.45
C VAL A 238 30.79 11.64 -4.34
N TRP A 239 32.00 11.56 -3.78
CA TRP A 239 32.37 12.46 -2.70
C TRP A 239 32.24 13.91 -3.17
N ASP A 240 32.40 14.13 -4.47
CA ASP A 240 32.28 15.47 -5.02
C ASP A 240 30.95 16.11 -4.66
N ASP A 241 29.88 15.44 -5.07
CA ASP A 241 28.50 15.89 -4.86
C ASP A 241 27.98 15.67 -3.44
N GLN A 242 28.71 14.88 -2.67
CA GLN A 242 28.36 14.56 -1.30
C GLN A 242 27.91 15.70 -0.39
N TRP A 243 28.16 16.95 -0.78
CA TRP A 243 27.76 18.11 0.06
C TRP A 243 26.28 18.44 -0.10
N ILE A 244 25.73 18.09 -1.26
CA ILE A 244 24.33 18.34 -1.57
C ILE A 244 23.42 17.65 -0.55
N PHE A 245 23.71 16.38 -0.31
CA PHE A 245 22.92 15.56 0.59
C PHE A 245 23.06 15.86 2.07
N TRP A 246 23.86 16.88 2.38
CA TRP A 246 24.04 17.30 3.76
C TRP A 246 23.43 18.67 3.88
N VAL A 247 23.79 19.56 2.96
CA VAL A 247 23.26 20.91 2.94
C VAL A 247 21.77 20.90 2.63
N GLY A 248 21.35 20.12 1.64
CA GLY A 248 19.95 20.06 1.27
C GLY A 248 19.01 19.67 2.40
N PRO A 249 19.02 18.39 2.80
CA PRO A 249 18.16 17.90 3.88
C PRO A 249 18.03 18.82 5.09
N PHE A 250 19.15 19.30 5.62
CA PHE A 250 19.11 20.16 6.80
C PHE A 250 18.38 21.46 6.55
N ILE A 251 18.55 21.99 5.34
CA ILE A 251 17.89 23.23 4.95
C ILE A 251 16.41 22.93 4.86
N GLY A 252 16.10 21.78 4.27
CA GLY A 252 14.70 21.38 4.15
C GLY A 252 14.11 21.20 5.54
N ALA A 253 14.78 20.38 6.34
CA ALA A 253 14.36 20.08 7.70
C ALA A 253 14.07 21.36 8.47
N ALA A 254 14.95 22.35 8.31
CA ALA A 254 14.77 23.64 8.99
C ALA A 254 13.55 24.42 8.44
N VAL A 255 13.47 24.56 7.13
CA VAL A 255 12.33 25.26 6.52
C VAL A 255 11.05 24.63 7.05
N ALA A 256 10.95 23.31 6.94
CA ALA A 256 9.76 22.60 7.41
C ALA A 256 9.46 23.10 8.81
N ALA A 257 10.40 22.88 9.70
CA ALA A 257 10.28 23.28 11.09
C ALA A 257 9.69 24.68 11.26
N ALA A 258 10.18 25.64 10.48
CA ALA A 258 9.68 26.99 10.55
C ALA A 258 8.24 27.09 10.07
N TYR A 259 7.91 26.36 9.01
CA TYR A 259 6.56 26.37 8.47
C TYR A 259 5.60 25.83 9.49
N HIS A 260 5.93 24.68 10.03
CA HIS A 260 5.09 24.01 11.02
C HIS A 260 5.04 24.67 12.40
N GLN A 261 6.19 25.02 12.96
CA GLN A 261 6.20 25.62 14.28
C GLN A 261 5.71 27.06 14.28
N TYR A 262 6.36 27.89 13.48
CA TYR A 262 6.02 29.29 13.40
C TYR A 262 4.80 29.80 12.64
N VAL A 263 4.80 29.58 11.33
CA VAL A 263 3.65 29.91 10.49
C VAL A 263 2.38 29.03 10.50
N LEU A 264 2.40 27.96 11.28
CA LEU A 264 1.26 27.05 11.37
C LEU A 264 0.91 26.63 12.80
N ARG A 265 0.21 25.52 12.93
CA ARG A 265 0.11 24.71 14.13
C ARG A 265 -0.19 25.12 15.57
N ALA A 266 -1.37 25.68 15.79
CA ALA A 266 -1.72 26.48 16.95
C ALA A 266 -3.15 26.23 17.40
N ALA A 267 -3.53 26.79 18.54
CA ALA A 267 -4.88 26.63 19.08
C ALA A 267 -5.05 27.40 20.38
N PHE B 26 -36.63 -15.44 8.91
CA PHE B 26 -36.42 -15.61 7.44
C PHE B 26 -37.71 -15.51 6.65
N PHE B 27 -37.58 -15.03 5.41
CA PHE B 27 -38.67 -14.80 4.47
C PHE B 27 -39.54 -13.68 5.04
N ASP B 28 -39.11 -13.13 6.17
CA ASP B 28 -39.83 -12.05 6.81
C ASP B 28 -39.89 -10.96 5.75
N LEU B 29 -41.05 -10.81 5.12
CA LEU B 29 -41.31 -9.71 4.19
C LEU B 29 -41.41 -8.39 4.92
N GLY B 30 -41.16 -8.41 6.23
CA GLY B 30 -41.22 -7.20 7.04
C GLY B 30 -40.11 -6.23 6.73
N GLU B 31 -39.07 -6.72 6.04
CA GLU B 31 -37.93 -5.89 5.68
C GLU B 31 -38.27 -4.96 4.51
N LEU B 32 -38.73 -5.56 3.41
CA LEU B 32 -39.08 -4.79 2.22
C LEU B 32 -39.66 -3.42 2.56
N LYS B 33 -40.51 -3.40 3.57
CA LYS B 33 -41.18 -2.18 4.03
C LYS B 33 -40.26 -1.12 4.68
N LEU B 34 -39.11 -1.55 5.19
CA LEU B 34 -38.15 -0.63 5.81
C LEU B 34 -37.45 0.26 4.79
N TRP B 35 -37.26 1.53 5.15
CA TRP B 35 -36.63 2.51 4.26
C TRP B 35 -35.13 2.31 4.15
N SER B 36 -34.51 1.81 5.21
CA SER B 36 -33.08 1.57 5.21
C SER B 36 -32.75 0.41 4.28
N PHE B 37 -33.68 -0.53 4.16
CA PHE B 37 -33.48 -1.70 3.33
C PHE B 37 -33.32 -1.41 1.84
N TRP B 38 -33.94 -0.34 1.37
CA TRP B 38 -33.82 -0.01 -0.05
C TRP B 38 -32.59 0.82 -0.35
N ARG B 39 -31.93 1.30 0.70
CA ARG B 39 -30.71 2.07 0.50
C ARG B 39 -29.57 1.09 0.38
N ALA B 40 -29.42 0.24 1.39
CA ALA B 40 -28.38 -0.77 1.41
C ALA B 40 -28.33 -1.50 0.07
N ALA B 41 -29.43 -1.43 -0.68
CA ALA B 41 -29.49 -2.08 -1.98
C ALA B 41 -29.05 -1.11 -3.08
N ILE B 42 -29.41 0.16 -2.94
CA ILE B 42 -29.02 1.15 -3.93
C ILE B 42 -27.50 1.30 -3.86
N ALA B 43 -26.96 1.26 -2.64
CA ALA B 43 -25.53 1.37 -2.38
C ALA B 43 -24.83 0.23 -3.10
N GLU B 44 -25.18 -1.01 -2.72
CA GLU B 44 -24.61 -2.20 -3.34
C GLU B 44 -24.72 -2.12 -4.85
N PHE B 45 -25.81 -1.54 -5.36
CA PHE B 45 -25.96 -1.40 -6.80
C PHE B 45 -24.91 -0.45 -7.36
N ILE B 46 -24.87 0.77 -6.81
CA ILE B 46 -23.91 1.79 -7.24
C ILE B 46 -22.47 1.38 -6.93
N ALA B 47 -22.28 0.73 -5.80
CA ALA B 47 -20.95 0.27 -5.38
C ALA B 47 -20.39 -0.68 -6.41
N THR B 48 -21.16 -1.70 -6.76
CA THR B 48 -20.73 -2.68 -7.74
C THR B 48 -20.63 -2.10 -9.16
N LEU B 49 -21.30 -0.97 -9.41
CA LEU B 49 -21.21 -0.36 -10.73
C LEU B 49 -19.83 0.26 -10.85
N LEU B 50 -19.48 1.12 -9.90
CA LEU B 50 -18.16 1.75 -9.91
C LEU B 50 -17.05 0.67 -9.91
N PHE B 51 -17.24 -0.39 -9.13
CA PHE B 51 -16.28 -1.49 -9.03
C PHE B 51 -15.90 -2.06 -10.37
N LEU B 52 -16.91 -2.46 -11.14
CA LEU B 52 -16.64 -3.02 -12.46
C LEU B 52 -16.08 -1.96 -13.40
N TYR B 53 -16.60 -0.73 -13.31
CA TYR B 53 -16.12 0.32 -14.18
C TYR B 53 -14.64 0.60 -14.02
N ILE B 54 -14.22 0.92 -12.79
CA ILE B 54 -12.83 1.20 -12.55
C ILE B 54 -11.95 0.02 -12.93
N THR B 55 -12.25 -1.17 -12.41
CA THR B 55 -11.43 -2.33 -12.73
C THR B 55 -11.37 -2.69 -14.23
N VAL B 56 -12.50 -3.07 -14.80
CA VAL B 56 -12.51 -3.40 -16.22
C VAL B 56 -11.82 -2.33 -17.06
N ALA B 57 -12.10 -1.06 -16.77
CA ALA B 57 -11.49 0.07 -17.50
C ALA B 57 -9.96 -0.06 -17.41
N THR B 58 -9.47 -0.42 -16.23
CA THR B 58 -8.06 -0.60 -16.04
C THR B 58 -7.60 -1.78 -16.89
N VAL B 59 -8.35 -2.86 -16.89
CA VAL B 59 -7.98 -4.01 -17.70
C VAL B 59 -7.84 -3.66 -19.18
N ILE B 60 -8.88 -3.08 -19.77
CA ILE B 60 -8.79 -2.72 -21.16
C ILE B 60 -7.61 -1.77 -21.33
N GLY B 61 -7.61 -0.68 -20.56
CA GLY B 61 -6.53 0.29 -20.67
C GLY B 61 -5.13 -0.29 -20.73
N HIS B 62 -4.94 -1.39 -20.01
CA HIS B 62 -3.66 -2.07 -19.97
C HIS B 62 -3.42 -2.83 -21.25
N SER B 63 -4.45 -3.53 -21.71
CA SER B 63 -4.35 -4.34 -22.90
C SER B 63 -4.14 -3.59 -24.20
N LYS B 64 -4.78 -2.44 -24.34
CA LYS B 64 -4.66 -1.65 -25.57
C LYS B 64 -3.34 -0.93 -25.65
N GLU B 65 -2.51 -1.07 -24.62
CA GLU B 65 -1.21 -0.41 -24.57
C GLU B 65 -0.25 -0.97 -25.58
N THR B 66 0.21 -0.10 -26.47
CA THR B 66 1.15 -0.48 -27.52
C THR B 66 2.60 -0.39 -27.01
N VAL B 67 2.89 0.59 -26.15
CA VAL B 67 4.23 0.77 -25.58
C VAL B 67 4.59 -0.33 -24.59
N VAL B 68 5.71 -1.01 -24.80
CA VAL B 68 6.10 -2.07 -23.89
C VAL B 68 6.41 -1.55 -22.49
N CYS B 69 5.79 -2.17 -21.50
CA CYS B 69 5.98 -1.76 -20.12
C CYS B 69 5.53 -0.30 -20.03
N GLY B 70 4.58 0.07 -20.89
CA GLY B 70 4.05 1.43 -20.90
C GLY B 70 2.72 1.55 -20.18
N SER B 71 2.15 0.42 -19.77
CA SER B 71 0.87 0.39 -19.04
C SER B 71 1.15 0.24 -17.55
N VAL B 72 0.11 -0.07 -16.79
CA VAL B 72 0.27 -0.26 -15.35
C VAL B 72 0.56 -1.71 -14.99
N GLY B 73 0.47 -2.59 -15.99
CA GLY B 73 0.77 -4.01 -15.80
C GLY B 73 -0.25 -4.81 -15.02
N LEU B 74 0.00 -6.10 -14.92
CA LEU B 74 -0.89 -6.97 -14.17
C LEU B 74 -0.89 -6.52 -12.73
N LEU B 75 0.28 -6.08 -12.23
CA LEU B 75 0.34 -5.62 -10.85
C LEU B 75 -0.59 -4.45 -10.67
N GLY B 76 -0.68 -3.61 -11.70
CA GLY B 76 -1.58 -2.47 -11.65
C GLY B 76 -3.02 -2.95 -11.56
N ILE B 77 -3.38 -3.90 -12.42
CA ILE B 77 -4.73 -4.46 -12.43
C ILE B 77 -5.10 -5.09 -11.08
N ALA B 78 -4.17 -5.85 -10.51
CA ALA B 78 -4.40 -6.45 -9.21
C ALA B 78 -4.83 -5.36 -8.24
N TRP B 79 -4.08 -4.25 -8.20
CA TRP B 79 -4.42 -3.15 -7.30
C TRP B 79 -5.78 -2.54 -7.61
N ALA B 80 -6.11 -2.37 -8.89
CA ALA B 80 -7.39 -1.77 -9.25
C ALA B 80 -8.57 -2.54 -8.62
N PHE B 81 -8.40 -3.85 -8.48
CA PHE B 81 -9.42 -4.72 -7.89
C PHE B 81 -9.38 -4.66 -6.37
N GLY B 82 -8.34 -5.23 -5.78
CA GLY B 82 -8.23 -5.21 -4.34
C GLY B 82 -8.43 -3.80 -3.81
N GLY B 83 -7.88 -2.83 -4.54
CA GLY B 83 -7.97 -1.42 -4.17
C GLY B 83 -9.39 -0.91 -4.17
N MET B 84 -10.14 -1.16 -5.25
CA MET B 84 -11.52 -0.72 -5.30
C MET B 84 -12.31 -1.35 -4.16
N ILE B 85 -12.14 -2.66 -3.95
CA ILE B 85 -12.85 -3.33 -2.86
C ILE B 85 -12.63 -2.58 -1.54
N PHE B 86 -11.38 -2.23 -1.25
CA PHE B 86 -11.07 -1.52 -0.01
C PHE B 86 -11.90 -0.24 0.08
N VAL B 87 -11.74 0.60 -0.93
CA VAL B 87 -12.46 1.86 -0.99
C VAL B 87 -13.98 1.61 -0.93
N LEU B 88 -14.53 0.89 -1.92
CA LEU B 88 -15.97 0.63 -1.96
C LEU B 88 -16.58 0.05 -0.69
N VAL B 89 -15.84 -0.81 0.02
CA VAL B 89 -16.34 -1.37 1.27
C VAL B 89 -16.30 -0.32 2.36
N TYR B 90 -15.24 0.48 2.39
CA TYR B 90 -15.10 1.57 3.36
C TYR B 90 -16.33 2.47 3.20
N CYS B 91 -16.53 2.98 1.98
CA CYS B 91 -17.66 3.84 1.67
C CYS B 91 -19.03 3.27 2.08
N THR B 92 -19.35 2.04 1.66
CA THR B 92 -20.65 1.45 1.95
C THR B 92 -20.83 0.48 3.13
N ALA B 93 -19.82 0.30 3.97
CA ALA B 93 -19.97 -0.63 5.10
C ALA B 93 -21.06 -0.16 6.08
N GLY B 94 -21.05 1.12 6.42
CA GLY B 94 -22.03 1.66 7.35
C GLY B 94 -23.45 1.57 6.85
N ILE B 95 -23.63 1.59 5.53
CA ILE B 95 -24.95 1.51 4.96
C ILE B 95 -25.58 0.17 4.57
N SER B 96 -24.94 -0.54 3.64
CA SER B 96 -25.28 -1.92 3.30
C SER B 96 -24.53 -3.03 4.01
N GLY B 97 -23.41 -2.70 4.64
CA GLY B 97 -22.63 -3.74 5.30
C GLY B 97 -21.44 -4.00 4.40
N GLY B 98 -21.47 -3.36 3.24
CA GLY B 98 -20.41 -3.46 2.26
C GLY B 98 -19.87 -4.69 1.58
N HIS B 99 -20.73 -5.39 0.86
CA HIS B 99 -20.44 -6.71 0.33
C HIS B 99 -19.87 -6.62 -1.05
N ILE B 100 -20.64 -6.05 -1.97
CA ILE B 100 -20.20 -5.85 -3.34
C ILE B 100 -19.88 -7.18 -4.03
N ASN B 101 -20.14 -8.29 -3.34
CA ASN B 101 -19.87 -9.61 -3.89
C ASN B 101 -20.92 -10.67 -3.52
N PRO B 102 -21.58 -11.26 -4.52
CA PRO B 102 -22.62 -12.29 -4.30
C PRO B 102 -22.13 -13.41 -3.38
N ALA B 103 -20.89 -13.83 -3.59
CA ALA B 103 -20.32 -14.89 -2.77
C ALA B 103 -20.07 -14.43 -1.34
N VAL B 104 -19.84 -13.14 -1.14
CA VAL B 104 -19.60 -12.63 0.21
C VAL B 104 -20.94 -12.59 0.92
N THR B 105 -21.99 -12.18 0.21
CA THR B 105 -23.33 -12.13 0.79
C THR B 105 -23.72 -13.56 1.16
N PHE B 106 -23.71 -14.45 0.18
CA PHE B 106 -24.06 -15.85 0.36
C PHE B 106 -23.44 -16.47 1.61
N GLY B 107 -22.14 -16.29 1.76
CA GLY B 107 -21.45 -16.85 2.90
C GLY B 107 -21.99 -16.39 4.24
N LEU B 108 -22.26 -15.09 4.36
CA LEU B 108 -22.79 -14.55 5.61
C LEU B 108 -24.22 -15.01 5.79
N PHE B 109 -24.92 -15.16 4.67
CA PHE B 109 -26.29 -15.63 4.68
C PHE B 109 -26.29 -16.99 5.36
N LEU B 110 -25.41 -17.86 4.91
CA LEU B 110 -25.31 -19.19 5.51
C LEU B 110 -24.91 -19.08 6.99
N ALA B 111 -24.35 -17.93 7.37
CA ALA B 111 -23.94 -17.71 8.76
C ALA B 111 -25.10 -17.10 9.52
N ARG B 112 -26.17 -16.83 8.78
CA ARG B 112 -27.39 -16.24 9.30
C ARG B 112 -27.14 -14.87 9.91
N LYS B 113 -26.43 -14.03 9.14
CA LYS B 113 -26.13 -12.66 9.55
C LYS B 113 -26.78 -11.77 8.51
N VAL B 114 -27.50 -12.41 7.60
CA VAL B 114 -28.21 -11.73 6.52
C VAL B 114 -29.46 -12.54 6.19
N SER B 115 -30.62 -11.88 6.26
CA SER B 115 -31.88 -12.52 5.95
C SER B 115 -31.85 -13.05 4.52
N LEU B 116 -32.69 -14.04 4.25
CA LEU B 116 -32.78 -14.65 2.91
C LEU B 116 -33.37 -13.63 1.94
N LEU B 117 -34.26 -12.80 2.46
CA LEU B 117 -34.92 -11.77 1.67
C LEU B 117 -33.88 -10.75 1.23
N ARG B 118 -33.11 -10.27 2.20
CA ARG B 118 -32.06 -9.28 1.97
C ARG B 118 -31.09 -9.79 0.91
N ALA B 119 -30.57 -10.99 1.16
CA ALA B 119 -29.60 -11.62 0.28
C ALA B 119 -29.99 -11.61 -1.20
N LEU B 120 -31.24 -11.99 -1.49
CA LEU B 120 -31.69 -12.04 -2.88
C LEU B 120 -31.75 -10.68 -3.54
N VAL B 121 -31.99 -9.65 -2.74
CA VAL B 121 -32.05 -8.29 -3.24
C VAL B 121 -30.64 -7.84 -3.59
N TYR B 122 -29.77 -7.85 -2.59
CA TYR B 122 -28.38 -7.49 -2.78
C TYR B 122 -27.88 -8.12 -4.08
N MET B 123 -27.91 -9.44 -4.12
CA MET B 123 -27.46 -10.19 -5.28
C MET B 123 -27.99 -9.70 -6.61
N ILE B 124 -29.23 -9.21 -6.65
CA ILE B 124 -29.77 -8.73 -7.92
C ILE B 124 -29.20 -7.35 -8.24
N ALA B 125 -29.00 -6.54 -7.19
CA ALA B 125 -28.44 -5.20 -7.36
C ALA B 125 -26.96 -5.26 -7.73
N GLN B 126 -26.27 -6.30 -7.25
CA GLN B 126 -24.85 -6.49 -7.52
C GLN B 126 -24.63 -6.95 -8.94
N CYS B 127 -25.41 -7.93 -9.39
CA CYS B 127 -25.30 -8.37 -10.77
C CYS B 127 -25.77 -7.20 -11.61
N LEU B 128 -26.81 -6.52 -11.11
CA LEU B 128 -27.35 -5.36 -11.81
C LEU B 128 -26.37 -4.20 -11.81
N GLY B 129 -25.53 -4.12 -10.77
CA GLY B 129 -24.56 -3.04 -10.72
C GLY B 129 -23.42 -3.32 -11.68
N ALA B 130 -22.98 -4.57 -11.69
CA ALA B 130 -21.88 -5.02 -12.54
C ALA B 130 -22.13 -4.75 -14.01
N ILE B 131 -23.22 -5.29 -14.54
CA ILE B 131 -23.57 -5.12 -15.95
C ILE B 131 -23.56 -3.66 -16.43
N CYS B 132 -23.96 -2.74 -15.57
CA CYS B 132 -23.96 -1.34 -15.97
C CYS B 132 -22.52 -0.86 -15.93
N GLY B 133 -21.85 -1.14 -14.82
CA GLY B 133 -20.46 -0.75 -14.67
C GLY B 133 -19.64 -1.20 -15.85
N VAL B 134 -19.80 -2.46 -16.23
CA VAL B 134 -19.07 -3.02 -17.35
C VAL B 134 -19.54 -2.42 -18.66
N GLY B 135 -20.84 -2.19 -18.80
CA GLY B 135 -21.36 -1.63 -20.02
C GLY B 135 -20.93 -0.19 -20.26
N LEU B 136 -20.58 0.49 -19.17
CA LEU B 136 -20.15 1.89 -19.23
C LEU B 136 -18.74 1.97 -19.78
N VAL B 137 -17.96 0.92 -19.54
CA VAL B 137 -16.60 0.86 -20.02
C VAL B 137 -16.66 0.68 -21.52
N LYS B 138 -17.63 -0.12 -21.98
CA LYS B 138 -17.77 -0.37 -23.41
C LYS B 138 -18.17 0.93 -24.10
N ALA B 139 -19.06 1.69 -23.46
CA ALA B 139 -19.48 2.95 -24.04
C ALA B 139 -18.30 3.91 -24.17
N PHE B 140 -17.38 3.84 -23.22
CA PHE B 140 -16.22 4.72 -23.21
C PHE B 140 -15.27 4.40 -24.36
N MET B 141 -14.99 3.11 -24.55
CA MET B 141 -14.07 2.67 -25.60
C MET B 141 -14.49 1.33 -26.19
N LYS B 142 -15.58 1.32 -26.94
CA LYS B 142 -16.05 0.12 -27.59
C LYS B 142 -14.92 -0.57 -28.36
N GLY B 143 -14.18 0.19 -29.15
CA GLY B 143 -13.09 -0.39 -29.92
C GLY B 143 -12.01 -1.33 -29.42
N PRO B 144 -11.21 -0.89 -28.45
CA PRO B 144 -10.33 -1.76 -27.67
C PRO B 144 -11.05 -2.63 -26.64
N TYR B 145 -12.32 -2.31 -26.35
CA TYR B 145 -13.08 -3.11 -25.38
C TYR B 145 -13.33 -4.51 -25.94
N ASN B 146 -14.01 -4.59 -27.08
CA ASN B 146 -14.31 -5.86 -27.71
C ASN B 146 -13.00 -6.54 -28.06
N GLN B 147 -12.13 -5.78 -28.70
CA GLN B 147 -10.84 -6.26 -29.16
C GLN B 147 -9.93 -7.00 -28.16
N PHE B 148 -9.99 -6.65 -26.87
CA PHE B 148 -9.13 -7.28 -25.88
C PHE B 148 -9.81 -8.03 -24.73
N GLY B 149 -10.72 -8.95 -25.05
CA GLY B 149 -11.37 -9.73 -24.02
C GLY B 149 -12.51 -9.13 -23.20
N GLY B 150 -12.80 -7.84 -23.40
CA GLY B 150 -13.89 -7.20 -22.67
C GLY B 150 -13.85 -7.37 -21.15
N GLY B 151 -12.70 -7.80 -20.64
CA GLY B 151 -12.54 -8.00 -19.21
C GLY B 151 -13.44 -9.07 -18.64
N ALA B 152 -13.61 -10.16 -19.38
CA ALA B 152 -14.45 -11.27 -18.93
C ALA B 152 -13.59 -12.45 -18.51
N ASN B 153 -14.05 -13.16 -17.50
CA ASN B 153 -13.31 -14.31 -17.00
C ASN B 153 -13.55 -15.49 -17.97
N SER B 154 -12.57 -16.40 -18.02
CA SER B 154 -12.62 -17.59 -18.86
C SER B 154 -11.40 -18.41 -18.45
N VAL B 155 -11.27 -19.63 -18.95
CA VAL B 155 -10.12 -20.44 -18.59
C VAL B 155 -8.99 -20.18 -19.57
N ALA B 156 -7.79 -19.93 -19.04
CA ALA B 156 -6.59 -19.64 -19.82
C ALA B 156 -5.96 -20.89 -20.41
N LEU B 157 -5.50 -20.81 -21.65
CA LEU B 157 -4.88 -21.97 -22.28
C LEU B 157 -3.80 -22.50 -21.37
N GLY B 158 -3.77 -23.81 -21.23
CA GLY B 158 -2.78 -24.44 -20.37
C GLY B 158 -3.38 -24.88 -19.06
N TYR B 159 -4.69 -24.71 -18.92
CA TYR B 159 -5.41 -25.08 -17.70
C TYR B 159 -6.69 -25.82 -18.02
N ASN B 160 -6.98 -26.86 -17.24
CA ASN B 160 -8.19 -27.64 -17.43
C ASN B 160 -9.29 -27.05 -16.57
N LYS B 161 -10.50 -27.05 -17.11
CA LYS B 161 -11.64 -26.51 -16.41
C LYS B 161 -11.69 -26.93 -14.94
N GLY B 162 -11.20 -28.12 -14.65
CA GLY B 162 -11.19 -28.59 -13.27
C GLY B 162 -10.29 -27.72 -12.41
N THR B 163 -9.15 -27.31 -12.96
CA THR B 163 -8.21 -26.46 -12.22
C THR B 163 -8.78 -25.07 -12.01
N ALA B 164 -9.36 -24.50 -13.06
CA ALA B 164 -9.96 -23.17 -12.97
C ALA B 164 -10.91 -23.13 -11.76
N LEU B 165 -11.77 -24.15 -11.66
CA LEU B 165 -12.73 -24.25 -10.56
C LEU B 165 -11.99 -24.41 -9.24
N GLY B 166 -10.88 -25.13 -9.27
CA GLY B 166 -10.12 -25.33 -8.04
C GLY B 166 -9.58 -24.03 -7.53
N ALA B 167 -8.94 -23.27 -8.42
CA ALA B 167 -8.37 -21.98 -8.06
C ALA B 167 -9.48 -21.03 -7.63
N GLU B 168 -10.63 -21.11 -8.31
CA GLU B 168 -11.78 -20.25 -7.99
C GLU B 168 -12.32 -20.49 -6.60
N ILE B 169 -12.39 -21.76 -6.20
CA ILE B 169 -12.88 -22.10 -4.88
C ILE B 169 -11.87 -21.60 -3.87
N ILE B 170 -10.71 -22.25 -3.88
CA ILE B 170 -9.65 -21.89 -2.95
C ILE B 170 -9.42 -20.36 -2.95
N GLY B 171 -9.60 -19.72 -4.09
CA GLY B 171 -9.41 -18.28 -4.15
C GLY B 171 -10.43 -17.57 -3.26
N THR B 172 -11.70 -17.85 -3.53
CA THR B 172 -12.81 -17.28 -2.77
C THR B 172 -12.79 -17.65 -1.28
N PHE B 173 -12.17 -18.77 -0.94
CA PHE B 173 -12.10 -19.16 0.46
C PHE B 173 -11.24 -18.12 1.19
N VAL B 174 -10.29 -17.51 0.47
CA VAL B 174 -9.43 -16.51 1.08
C VAL B 174 -10.21 -15.22 1.31
N LEU B 175 -11.03 -14.86 0.32
CA LEU B 175 -11.83 -13.65 0.41
C LEU B 175 -12.85 -13.65 1.55
N VAL B 176 -13.78 -14.60 1.50
CA VAL B 176 -14.84 -14.72 2.49
C VAL B 176 -14.38 -15.09 3.91
N TYR B 177 -13.32 -15.89 4.04
CA TYR B 177 -12.80 -16.23 5.36
C TYR B 177 -12.32 -14.91 5.97
N THR B 178 -11.86 -13.99 5.14
CA THR B 178 -11.39 -12.70 5.66
C THR B 178 -12.59 -11.83 6.00
N VAL B 179 -13.64 -11.92 5.19
CA VAL B 179 -14.84 -11.15 5.48
C VAL B 179 -15.30 -11.56 6.87
N PHE B 180 -15.27 -12.87 7.13
CA PHE B 180 -15.67 -13.33 8.44
C PHE B 180 -14.68 -12.79 9.48
N SER B 181 -13.39 -12.92 9.20
CA SER B 181 -12.38 -12.43 10.13
C SER B 181 -12.44 -10.91 10.28
N ALA B 182 -13.25 -10.25 9.46
CA ALA B 182 -13.36 -8.80 9.50
C ALA B 182 -14.65 -8.23 10.06
N THR B 183 -15.62 -9.09 10.35
CA THR B 183 -16.89 -8.64 10.89
C THR B 183 -16.73 -7.96 12.22
N ASP B 184 -17.57 -6.96 12.48
CA ASP B 184 -17.55 -6.23 13.75
C ASP B 184 -18.54 -6.92 14.72
N PRO B 185 -18.02 -7.41 15.88
CA PRO B 185 -18.89 -8.09 16.86
C PRO B 185 -20.02 -7.20 17.37
N LYS B 186 -19.65 -6.00 17.80
CA LYS B 186 -20.59 -5.04 18.36
C LYS B 186 -21.56 -4.18 17.53
N ARG B 187 -21.04 -3.21 16.78
CA ARG B 187 -21.83 -2.41 15.84
C ARG B 187 -22.10 -3.01 14.45
N SER B 188 -23.20 -2.58 13.86
CA SER B 188 -23.64 -3.07 12.54
C SER B 188 -24.06 -1.97 11.54
N ALA B 189 -24.81 -2.36 10.51
CA ALA B 189 -25.26 -1.43 9.47
C ALA B 189 -26.46 -0.59 9.93
N ARG B 190 -27.13 0.05 8.98
CA ARG B 190 -28.25 0.92 9.28
C ARG B 190 -29.59 0.18 9.17
N ASP B 191 -30.27 0.02 10.30
CA ASP B 191 -31.58 -0.61 10.32
C ASP B 191 -31.51 -2.13 10.43
N SER B 192 -30.29 -2.68 10.40
CA SER B 192 -30.12 -4.12 10.39
C SER B 192 -29.10 -4.65 11.38
N HIS B 193 -28.96 -5.97 11.40
CA HIS B 193 -28.00 -6.63 12.26
C HIS B 193 -26.89 -7.18 11.35
N VAL B 194 -26.63 -6.46 10.27
CA VAL B 194 -25.58 -6.83 9.30
C VAL B 194 -24.31 -6.08 9.69
N PRO B 195 -23.28 -6.81 10.16
CA PRO B 195 -21.98 -6.30 10.61
C PRO B 195 -21.21 -5.35 9.70
N ILE B 196 -20.52 -4.40 10.32
CA ILE B 196 -19.68 -3.45 9.60
C ILE B 196 -18.42 -4.25 9.33
N LEU B 197 -17.87 -4.16 8.12
CA LEU B 197 -16.68 -4.92 7.80
C LEU B 197 -15.40 -4.08 7.69
N ALA B 198 -14.29 -4.66 8.15
CA ALA B 198 -12.98 -4.02 8.08
C ALA B 198 -12.71 -3.95 6.58
N PRO B 199 -12.41 -2.76 6.06
CA PRO B 199 -12.16 -2.67 4.62
C PRO B 199 -10.78 -3.07 4.13
N LEU B 200 -9.73 -2.66 4.81
CA LEU B 200 -8.38 -2.99 4.37
C LEU B 200 -8.01 -4.48 4.23
N PRO B 201 -8.25 -5.30 5.28
CA PRO B 201 -7.90 -6.71 5.16
C PRO B 201 -8.66 -7.40 4.03
N ILE B 202 -9.86 -6.90 3.74
CA ILE B 202 -10.68 -7.46 2.68
C ILE B 202 -10.11 -7.00 1.34
N GLY B 203 -9.78 -5.73 1.22
CA GLY B 203 -9.22 -5.28 -0.03
C GLY B 203 -7.95 -6.05 -0.34
N PHE B 204 -7.07 -6.14 0.65
CA PHE B 204 -5.81 -6.86 0.48
C PHE B 204 -6.04 -8.28 0.08
N ALA B 205 -7.10 -8.89 0.59
CA ALA B 205 -7.41 -10.26 0.22
C ALA B 205 -7.77 -10.32 -1.27
N VAL B 206 -8.65 -9.43 -1.73
CA VAL B 206 -9.01 -9.41 -3.14
C VAL B 206 -7.71 -9.26 -3.93
N PHE B 207 -6.86 -8.35 -3.46
CA PHE B 207 -5.57 -8.08 -4.11
C PHE B 207 -4.75 -9.36 -4.16
N MET B 208 -4.40 -9.91 -3.01
CA MET B 208 -3.61 -11.14 -2.92
C MET B 208 -4.08 -12.22 -3.90
N VAL B 209 -5.35 -12.61 -3.76
CA VAL B 209 -5.94 -13.64 -4.63
C VAL B 209 -5.76 -13.35 -6.13
N HIS B 210 -5.82 -12.08 -6.52
CA HIS B 210 -5.63 -11.69 -7.90
C HIS B 210 -4.19 -11.94 -8.35
N LEU B 211 -3.24 -11.56 -7.52
CA LEU B 211 -1.83 -11.76 -7.86
C LEU B 211 -1.56 -13.21 -8.22
N ALA B 212 -2.32 -14.12 -7.65
CA ALA B 212 -2.09 -15.53 -7.92
C ALA B 212 -3.06 -16.20 -8.91
N THR B 213 -4.23 -15.61 -9.13
CA THR B 213 -5.20 -16.24 -10.02
C THR B 213 -5.39 -15.63 -11.42
N ILE B 214 -4.89 -14.42 -11.65
CA ILE B 214 -5.05 -13.80 -12.98
C ILE B 214 -4.50 -14.69 -14.12
N PRO B 215 -3.35 -15.37 -13.91
CA PRO B 215 -2.76 -16.22 -14.95
C PRO B 215 -3.67 -17.37 -15.32
N ILE B 216 -4.44 -17.82 -14.35
CA ILE B 216 -5.32 -18.94 -14.57
C ILE B 216 -6.68 -18.62 -15.16
N THR B 217 -7.40 -17.68 -14.54
CA THR B 217 -8.73 -17.31 -15.02
C THR B 217 -8.89 -15.79 -15.11
N GLY B 218 -8.43 -15.09 -14.07
CA GLY B 218 -8.54 -13.65 -14.02
C GLY B 218 -8.79 -13.16 -12.61
N THR B 219 -8.79 -14.09 -11.66
CA THR B 219 -9.08 -13.77 -10.27
C THR B 219 -10.57 -13.45 -10.10
N GLY B 220 -11.42 -14.35 -10.57
CA GLY B 220 -12.86 -14.17 -10.45
C GLY B 220 -13.57 -13.88 -9.15
N ILE B 221 -13.59 -14.87 -8.26
CA ILE B 221 -13.87 -14.67 -6.83
C ILE B 221 -14.85 -13.51 -6.76
N ASN B 222 -15.85 -13.55 -7.65
CA ASN B 222 -16.86 -12.51 -7.71
C ASN B 222 -17.61 -13.45 -8.65
N PRO B 223 -18.98 -13.63 -8.34
CA PRO B 223 -19.92 -13.96 -9.43
C PRO B 223 -20.46 -12.72 -10.16
N ALA B 224 -20.94 -11.74 -9.40
CA ALA B 224 -21.52 -10.55 -9.99
C ALA B 224 -20.57 -9.85 -10.94
N ARG B 225 -19.26 -9.99 -10.68
CA ARG B 225 -18.23 -9.37 -11.52
C ARG B 225 -18.04 -10.14 -12.82
N SER B 226 -17.99 -11.45 -12.69
CA SER B 226 -17.81 -12.32 -13.86
C SER B 226 -19.07 -12.25 -14.71
N PHE B 227 -20.22 -12.16 -14.06
CA PHE B 227 -21.49 -12.10 -14.77
C PHE B 227 -21.61 -10.81 -15.58
N GLY B 228 -21.38 -9.69 -14.92
CA GLY B 228 -21.47 -8.41 -15.62
C GLY B 228 -20.67 -8.34 -16.91
N ALA B 229 -19.42 -8.79 -16.86
CA ALA B 229 -18.57 -8.76 -18.04
C ALA B 229 -18.97 -9.81 -19.07
N ALA B 230 -19.45 -10.96 -18.61
CA ALA B 230 -19.87 -12.03 -19.52
C ALA B 230 -21.05 -11.49 -20.31
N VAL B 231 -21.98 -10.90 -19.57
CA VAL B 231 -23.16 -10.28 -20.15
C VAL B 231 -22.75 -9.31 -21.26
N ILE B 232 -21.96 -8.29 -20.91
CA ILE B 232 -21.53 -7.28 -21.88
C ILE B 232 -20.58 -7.72 -22.99
N PHE B 233 -19.62 -8.59 -22.68
CA PHE B 233 -18.70 -9.06 -23.71
C PHE B 233 -19.52 -9.88 -24.68
N ASN B 234 -20.25 -10.85 -24.11
CA ASN B 234 -21.13 -11.75 -24.85
C ASN B 234 -20.38 -12.63 -25.84
N SER B 235 -19.55 -13.51 -25.31
CA SER B 235 -18.79 -14.43 -26.13
C SER B 235 -19.14 -15.83 -25.70
N ASN B 236 -19.37 -16.71 -26.68
CA ASN B 236 -19.73 -18.08 -26.34
C ASN B 236 -18.62 -18.75 -25.55
N LYS B 237 -17.38 -18.60 -26.04
CA LYS B 237 -16.23 -19.20 -25.39
C LYS B 237 -16.24 -18.79 -23.90
N VAL B 238 -16.71 -17.59 -23.62
CA VAL B 238 -16.78 -17.09 -22.25
C VAL B 238 -17.99 -17.69 -21.53
N TRP B 239 -19.16 -17.57 -22.14
CA TRP B 239 -20.38 -18.09 -21.58
C TRP B 239 -20.18 -19.56 -21.23
N ASP B 240 -19.34 -20.25 -22.00
CA ASP B 240 -19.08 -21.66 -21.74
C ASP B 240 -18.51 -21.91 -20.35
N ASP B 241 -17.41 -21.22 -20.02
CA ASP B 241 -16.77 -21.39 -18.71
C ASP B 241 -17.47 -20.63 -17.57
N GLN B 242 -18.38 -19.74 -17.94
CA GLN B 242 -19.11 -18.93 -16.97
C GLN B 242 -19.61 -19.69 -15.73
N TRP B 243 -20.02 -20.95 -15.93
CA TRP B 243 -20.53 -21.74 -14.82
C TRP B 243 -19.52 -21.90 -13.67
N ILE B 244 -18.23 -21.91 -13.97
CA ILE B 244 -17.21 -22.11 -12.94
C ILE B 244 -17.19 -20.95 -11.96
N PHE B 245 -17.35 -19.74 -12.49
CA PHE B 245 -17.30 -18.51 -11.70
C PHE B 245 -18.43 -18.29 -10.70
N TRP B 246 -19.43 -19.16 -10.76
CA TRP B 246 -20.55 -19.07 -9.84
C TRP B 246 -20.41 -20.20 -8.84
N VAL B 247 -20.20 -21.41 -9.35
CA VAL B 247 -20.07 -22.59 -8.52
C VAL B 247 -18.85 -22.50 -7.59
N GLY B 248 -17.71 -22.13 -8.18
CA GLY B 248 -16.48 -22.01 -7.42
C GLY B 248 -16.62 -21.09 -6.22
N PRO B 249 -16.98 -19.79 -6.45
CA PRO B 249 -17.15 -18.81 -5.38
C PRO B 249 -18.12 -19.28 -4.31
N PHE B 250 -19.35 -19.60 -4.72
CA PHE B 250 -20.36 -20.06 -3.78
C PHE B 250 -19.87 -21.24 -2.97
N ILE B 251 -19.10 -22.14 -3.57
CA ILE B 251 -18.58 -23.29 -2.84
C ILE B 251 -17.53 -22.82 -1.84
N GLY B 252 -16.63 -21.97 -2.30
CA GLY B 252 -15.58 -21.46 -1.44
C GLY B 252 -16.16 -20.75 -0.24
N ALA B 253 -17.11 -19.86 -0.51
CA ALA B 253 -17.77 -19.07 0.53
C ALA B 253 -18.42 -19.98 1.56
N ALA B 254 -19.04 -21.06 1.09
CA ALA B 254 -19.71 -22.02 1.95
C ALA B 254 -18.66 -22.64 2.88
N VAL B 255 -17.65 -23.26 2.28
CA VAL B 255 -16.58 -23.87 3.05
C VAL B 255 -15.95 -22.86 4.02
N ALA B 256 -15.90 -21.60 3.62
CA ALA B 256 -15.33 -20.59 4.49
C ALA B 256 -16.24 -20.40 5.68
N ALA B 257 -17.52 -20.11 5.41
CA ALA B 257 -18.50 -19.92 6.46
C ALA B 257 -18.37 -21.04 7.49
N ALA B 258 -18.47 -22.28 7.00
CA ALA B 258 -18.37 -23.48 7.81
C ALA B 258 -17.07 -23.51 8.62
N TYR B 259 -15.95 -23.21 7.96
CA TYR B 259 -14.65 -23.21 8.62
C TYR B 259 -14.64 -22.19 9.74
N HIS B 260 -15.13 -21.00 9.45
CA HIS B 260 -15.13 -19.94 10.45
C HIS B 260 -16.13 -20.23 11.53
N GLN B 261 -17.34 -20.58 11.11
CA GLN B 261 -18.43 -20.84 12.04
C GLN B 261 -18.43 -22.21 12.75
N TYR B 262 -18.40 -23.30 12.00
CA TYR B 262 -18.40 -24.62 12.62
C TYR B 262 -17.02 -25.03 13.17
N VAL B 263 -15.97 -24.87 12.36
CA VAL B 263 -14.61 -25.24 12.79
C VAL B 263 -13.97 -24.26 13.77
N LEU B 264 -14.28 -22.98 13.63
CA LEU B 264 -13.73 -21.97 14.52
C LEU B 264 -14.81 -21.19 15.28
N ARG B 265 -14.38 -20.31 16.18
CA ARG B 265 -15.31 -19.52 16.97
C ARG B 265 -16.20 -19.64 18.20
N ALA B 266 -15.79 -20.53 19.12
CA ALA B 266 -16.49 -21.39 20.07
C ALA B 266 -17.57 -20.66 20.87
N PRO C 21 -24.32 21.23 13.85
CA PRO C 21 -23.77 22.41 13.15
C PRO C 21 -24.84 23.15 12.37
N PRO C 22 -24.76 24.56 12.38
CA PRO C 22 -25.83 25.20 11.61
C PRO C 22 -25.33 25.65 10.24
N PRO C 23 -26.27 25.61 9.20
CA PRO C 23 -25.72 26.07 7.91
C PRO C 23 -25.09 27.46 8.02
N ALA C 24 -23.79 27.55 7.76
CA ALA C 24 -23.09 28.83 7.84
C ALA C 24 -23.68 29.84 6.86
N PRO C 25 -24.17 30.95 7.39
CA PRO C 25 -24.77 32.01 6.55
C PRO C 25 -23.99 32.12 5.24
N PHE C 26 -24.70 32.06 4.12
CA PHE C 26 -24.06 32.08 2.81
C PHE C 26 -22.83 32.90 2.40
N PHE C 27 -22.83 34.20 2.69
CA PHE C 27 -21.65 35.04 2.55
C PHE C 27 -21.41 35.90 3.79
N ASP C 28 -20.66 35.33 4.72
CA ASP C 28 -20.32 35.99 5.95
C ASP C 28 -18.84 36.33 5.91
N LEU C 29 -18.52 37.47 5.30
CA LEU C 29 -17.14 37.91 5.21
C LEU C 29 -16.44 37.64 6.54
N GLY C 30 -17.25 37.51 7.60
CA GLY C 30 -16.73 37.39 8.95
C GLY C 30 -15.53 36.49 9.16
N GLU C 31 -15.36 35.48 8.32
CA GLU C 31 -14.23 34.59 8.48
C GLU C 31 -12.93 35.25 8.08
N LEU C 32 -13.02 36.17 7.12
CA LEU C 32 -11.83 36.90 6.66
C LEU C 32 -11.01 37.36 7.85
N LYS C 33 -11.71 37.91 8.84
CA LYS C 33 -11.09 38.42 10.06
C LYS C 33 -10.44 37.35 10.95
N LEU C 34 -10.81 36.09 10.75
CA LEU C 34 -10.25 34.99 11.54
C LEU C 34 -8.81 34.64 11.14
N TRP C 35 -7.94 34.56 12.15
CA TRP C 35 -6.54 34.26 11.89
C TRP C 35 -6.33 32.84 11.35
N SER C 36 -7.11 31.90 11.83
CA SER C 36 -7.00 30.51 11.40
C SER C 36 -7.51 30.33 9.97
N PHE C 37 -8.34 31.26 9.52
CA PHE C 37 -8.87 31.21 8.17
C PHE C 37 -7.77 31.36 7.15
N TRP C 38 -6.88 32.30 7.38
CA TRP C 38 -5.76 32.55 6.48
C TRP C 38 -4.72 31.46 6.55
N ARG C 39 -4.59 30.86 7.72
CA ARG C 39 -3.64 29.78 7.92
C ARG C 39 -4.06 28.63 7.02
N ALA C 40 -5.34 28.24 7.12
CA ALA C 40 -5.92 27.17 6.32
C ALA C 40 -5.71 27.40 4.83
N ALA C 41 -5.77 28.67 4.43
CA ALA C 41 -5.57 29.03 3.05
C ALA C 41 -4.14 28.62 2.71
N ILE C 42 -3.18 29.17 3.44
CA ILE C 42 -1.78 28.86 3.21
C ILE C 42 -1.57 27.36 3.12
N ALA C 43 -2.00 26.64 4.16
CA ALA C 43 -1.86 25.19 4.20
C ALA C 43 -2.32 24.57 2.89
N GLU C 44 -3.48 25.02 2.41
CA GLU C 44 -4.03 24.54 1.15
C GLU C 44 -3.18 24.96 -0.05
N PHE C 45 -2.60 26.15 0.02
CA PHE C 45 -1.74 26.62 -1.06
C PHE C 45 -0.52 25.69 -1.17
N ILE C 46 0.30 25.70 -0.12
CA ILE C 46 1.51 24.88 0.00
C ILE C 46 1.30 23.39 -0.27
N ALA C 47 0.15 22.88 0.14
CA ALA C 47 -0.18 21.46 -0.05
C ALA C 47 -0.37 21.14 -1.53
N THR C 48 -0.96 22.07 -2.27
CA THR C 48 -1.18 21.85 -3.69
C THR C 48 0.12 22.08 -4.45
N LEU C 49 1.01 22.88 -3.87
CA LEU C 49 2.29 23.16 -4.49
C LEU C 49 3.11 21.85 -4.42
N LEU C 50 3.11 21.23 -3.25
CA LEU C 50 3.84 19.98 -3.06
C LEU C 50 3.17 18.86 -3.87
N PHE C 51 1.85 18.76 -3.81
CA PHE C 51 1.10 17.75 -4.58
C PHE C 51 1.55 17.76 -6.04
N LEU C 52 1.36 18.89 -6.70
CA LEU C 52 1.75 19.01 -8.10
C LEU C 52 3.23 18.72 -8.35
N TYR C 53 4.12 19.23 -7.50
CA TYR C 53 5.55 19.02 -7.70
C TYR C 53 5.93 17.54 -7.65
N ILE C 54 5.67 16.88 -6.54
CA ILE C 54 6.01 15.48 -6.41
C ILE C 54 5.40 14.68 -7.53
N THR C 55 4.14 14.94 -7.88
CA THR C 55 3.52 14.16 -8.96
C THR C 55 4.11 14.47 -10.32
N VAL C 56 3.98 15.71 -10.77
CA VAL C 56 4.48 16.07 -12.08
C VAL C 56 5.97 15.80 -12.26
N ALA C 57 6.73 15.88 -11.19
CA ALA C 57 8.15 15.60 -11.30
C ALA C 57 8.24 14.12 -11.67
N THR C 58 7.45 13.30 -10.98
CA THR C 58 7.42 11.86 -11.22
C THR C 58 7.02 11.56 -12.66
N VAL C 59 5.95 12.19 -13.16
CA VAL C 59 5.52 11.95 -14.52
C VAL C 59 6.68 12.15 -15.47
N ILE C 60 7.36 13.29 -15.34
CA ILE C 60 8.48 13.61 -16.20
C ILE C 60 9.58 12.55 -16.08
N GLY C 61 10.07 12.32 -14.88
CA GLY C 61 11.11 11.32 -14.73
C GLY C 61 10.81 10.01 -15.45
N HIS C 62 9.53 9.71 -15.60
CA HIS C 62 9.13 8.49 -16.27
C HIS C 62 9.21 8.61 -17.78
N SER C 63 8.83 9.77 -18.30
CA SER C 63 8.86 9.97 -19.74
C SER C 63 10.25 10.12 -20.31
N LYS C 64 11.12 10.81 -19.59
CA LYS C 64 12.48 11.03 -20.07
C LYS C 64 13.34 9.78 -20.05
N GLU C 65 12.93 8.75 -19.32
CA GLU C 65 13.74 7.53 -19.24
C GLU C 65 13.98 6.83 -20.58
N THR C 66 15.26 6.60 -20.86
CA THR C 66 15.73 5.96 -22.09
C THR C 66 15.62 4.43 -22.05
N VAL C 67 15.91 3.84 -20.89
CA VAL C 67 15.86 2.40 -20.72
C VAL C 67 14.44 1.84 -20.62
N VAL C 68 14.25 0.65 -21.16
CA VAL C 68 12.95 0.00 -21.09
C VAL C 68 12.77 -0.24 -19.60
N CYS C 69 11.54 -0.13 -19.11
CA CYS C 69 11.24 -0.31 -17.69
C CYS C 69 12.38 0.14 -16.77
N GLY C 70 12.86 1.35 -17.01
CA GLY C 70 13.92 1.92 -16.19
C GLY C 70 13.32 2.99 -15.29
N SER C 71 12.08 3.37 -15.60
CA SER C 71 11.35 4.38 -14.85
C SER C 71 10.58 3.66 -13.77
N VAL C 72 9.59 4.34 -13.18
CA VAL C 72 8.76 3.72 -12.18
C VAL C 72 7.48 3.23 -12.83
N GLY C 73 7.36 3.48 -14.13
CA GLY C 73 6.19 3.04 -14.87
C GLY C 73 4.94 3.84 -14.54
N LEU C 74 3.82 3.46 -15.16
CA LEU C 74 2.58 4.17 -14.89
C LEU C 74 2.09 3.89 -13.48
N LEU C 75 2.24 2.65 -12.99
CA LEU C 75 1.79 2.35 -11.64
C LEU C 75 2.49 3.28 -10.67
N GLY C 76 3.77 3.55 -10.95
CA GLY C 76 4.54 4.47 -10.12
C GLY C 76 3.84 5.83 -10.13
N ILE C 77 3.46 6.29 -11.31
CA ILE C 77 2.75 7.55 -11.40
C ILE C 77 1.45 7.48 -10.60
N ALA C 78 0.61 6.50 -10.90
CA ALA C 78 -0.66 6.34 -10.19
C ALA C 78 -0.46 6.50 -8.69
N TRP C 79 0.62 5.92 -8.16
CA TRP C 79 0.93 6.02 -6.73
C TRP C 79 1.23 7.44 -6.34
N ALA C 80 2.10 8.09 -7.11
CA ALA C 80 2.44 9.46 -6.81
C ALA C 80 1.15 10.25 -6.49
N PHE C 81 0.20 10.22 -7.41
CA PHE C 81 -1.05 10.94 -7.18
C PHE C 81 -1.85 10.47 -5.95
N GLY C 82 -2.12 9.18 -5.82
CA GLY C 82 -2.85 8.73 -4.66
C GLY C 82 -2.06 8.95 -3.38
N GLY C 83 -0.80 8.55 -3.41
CA GLY C 83 0.10 8.67 -2.26
C GLY C 83 0.18 10.07 -1.70
N MET C 84 0.64 11.03 -2.50
CA MET C 84 0.72 12.40 -2.01
C MET C 84 -0.63 12.87 -1.45
N ILE C 85 -1.73 12.52 -2.14
CA ILE C 85 -3.05 12.92 -1.68
C ILE C 85 -3.22 12.42 -0.26
N PHE C 86 -2.88 11.15 -0.07
CA PHE C 86 -2.97 10.55 1.24
C PHE C 86 -2.15 11.38 2.22
N VAL C 87 -0.86 11.53 1.92
CA VAL C 87 0.05 12.28 2.78
C VAL C 87 -0.40 13.71 3.03
N LEU C 88 -0.85 14.39 1.97
CA LEU C 88 -1.29 15.79 2.07
C LEU C 88 -2.58 15.97 2.87
N VAL C 89 -3.57 15.10 2.67
CA VAL C 89 -4.78 15.22 3.44
C VAL C 89 -4.45 14.95 4.90
N TYR C 90 -3.54 14.02 5.14
CA TYR C 90 -3.13 13.73 6.51
C TYR C 90 -2.54 15.02 7.11
N CYS C 91 -1.50 15.55 6.48
CA CYS C 91 -0.85 16.75 6.97
C CYS C 91 -1.71 18.00 7.14
N THR C 92 -2.79 18.14 6.38
CA THR C 92 -3.59 19.37 6.50
C THR C 92 -5.01 19.21 7.03
N ALA C 93 -5.41 17.95 7.24
CA ALA C 93 -6.74 17.61 7.73
C ALA C 93 -7.21 18.48 8.89
N GLY C 94 -6.34 18.66 9.87
CA GLY C 94 -6.70 19.46 11.02
C GLY C 94 -6.49 20.94 10.87
N ILE C 95 -5.90 21.37 9.76
CA ILE C 95 -5.67 22.79 9.61
C ILE C 95 -6.62 23.42 8.62
N SER C 96 -6.90 22.75 7.52
CA SER C 96 -7.80 23.34 6.55
C SER C 96 -8.94 22.41 6.24
N GLY C 97 -8.79 21.15 6.65
CA GLY C 97 -9.81 20.17 6.38
C GLY C 97 -9.33 19.18 5.33
N GLY C 98 -8.15 19.45 4.76
CA GLY C 98 -7.56 18.56 3.76
C GLY C 98 -8.27 18.43 2.42
N HIS C 99 -8.42 19.54 1.70
CA HIS C 99 -9.08 19.53 0.38
C HIS C 99 -8.13 19.32 -0.78
N ILE C 100 -7.13 20.21 -0.92
CA ILE C 100 -6.14 20.11 -2.00
C ILE C 100 -6.81 19.97 -3.37
N ASN C 101 -8.11 20.22 -3.47
CA ASN C 101 -8.81 20.02 -4.74
C ASN C 101 -10.09 20.84 -4.91
N PRO C 102 -10.11 21.78 -5.86
CA PRO C 102 -11.31 22.62 -6.08
C PRO C 102 -12.62 21.82 -6.12
N ALA C 103 -12.57 20.65 -6.77
CA ALA C 103 -13.76 19.82 -6.88
C ALA C 103 -14.18 19.24 -5.54
N VAL C 104 -13.25 18.95 -4.65
CA VAL C 104 -13.64 18.40 -3.36
C VAL C 104 -14.26 19.55 -2.59
N THR C 105 -13.63 20.70 -2.71
CA THR C 105 -14.12 21.90 -2.04
C THR C 105 -15.55 22.16 -2.50
N PHE C 106 -15.70 22.39 -3.80
CA PHE C 106 -16.99 22.66 -4.39
C PHE C 106 -18.04 21.66 -3.92
N GLY C 107 -17.62 20.41 -3.76
CA GLY C 107 -18.52 19.37 -3.32
C GLY C 107 -18.91 19.53 -1.87
N LEU C 108 -17.95 19.94 -1.07
CA LEU C 108 -18.21 20.15 0.34
C LEU C 108 -19.00 21.44 0.50
N PHE C 109 -18.90 22.31 -0.49
CA PHE C 109 -19.63 23.57 -0.46
C PHE C 109 -21.13 23.33 -0.65
N LEU C 110 -21.47 22.54 -1.66
CA LEU C 110 -22.87 22.26 -1.92
C LEU C 110 -23.59 21.65 -0.71
N ALA C 111 -22.88 20.91 0.12
CA ALA C 111 -23.51 20.30 1.28
C ALA C 111 -23.46 21.28 2.43
N ARG C 112 -23.05 22.51 2.11
CA ARG C 112 -22.94 23.56 3.11
C ARG C 112 -22.13 23.10 4.30
N LYS C 113 -20.92 22.63 4.05
CA LYS C 113 -20.02 22.18 5.11
C LYS C 113 -18.95 23.27 5.19
N VAL C 114 -18.89 24.05 4.11
CA VAL C 114 -17.88 25.06 3.90
C VAL C 114 -18.56 26.31 3.36
N SER C 115 -18.27 27.46 3.95
CA SER C 115 -18.86 28.72 3.51
C SER C 115 -18.47 29.10 2.09
N LEU C 116 -19.32 29.88 1.43
CA LEU C 116 -18.99 30.30 0.07
C LEU C 116 -17.70 31.13 0.08
N LEU C 117 -17.31 31.64 1.24
CA LEU C 117 -16.09 32.46 1.31
C LEU C 117 -14.84 31.60 1.29
N ARG C 118 -14.77 30.67 2.23
CA ARG C 118 -13.64 29.75 2.32
C ARG C 118 -13.47 28.99 1.00
N ALA C 119 -14.56 28.41 0.49
CA ALA C 119 -14.54 27.66 -0.76
C ALA C 119 -13.88 28.47 -1.90
N LEU C 120 -14.17 29.76 -1.96
CA LEU C 120 -13.61 30.59 -3.01
C LEU C 120 -12.16 30.91 -2.77
N VAL C 121 -11.79 31.07 -1.51
CA VAL C 121 -10.40 31.37 -1.18
C VAL C 121 -9.59 30.10 -1.36
N TYR C 122 -10.12 29.00 -0.84
CA TYR C 122 -9.45 27.73 -0.99
C TYR C 122 -9.15 27.56 -2.47
N MET C 123 -10.19 27.61 -3.30
CA MET C 123 -10.00 27.45 -4.73
C MET C 123 -8.85 28.32 -5.27
N ILE C 124 -8.87 29.62 -4.99
CA ILE C 124 -7.80 30.48 -5.49
C ILE C 124 -6.42 30.00 -5.04
N ALA C 125 -6.36 29.47 -3.82
CA ALA C 125 -5.10 28.99 -3.21
C ALA C 125 -4.56 27.75 -3.87
N GLN C 126 -5.44 26.80 -4.12
CA GLN C 126 -5.10 25.54 -4.74
C GLN C 126 -4.52 25.75 -6.14
N CYS C 127 -5.07 26.72 -6.86
CA CYS C 127 -4.58 26.99 -8.20
C CYS C 127 -3.25 27.68 -8.07
N LEU C 128 -3.22 28.81 -7.39
CA LEU C 128 -1.96 29.50 -7.24
C LEU C 128 -0.97 28.42 -6.83
N GLY C 129 -1.39 27.55 -5.91
CA GLY C 129 -0.50 26.50 -5.45
C GLY C 129 -0.04 25.61 -6.58
N ALA C 130 -1.01 25.10 -7.34
CA ALA C 130 -0.76 24.20 -8.48
C ALA C 130 0.18 24.82 -9.50
N ILE C 131 -0.01 26.10 -9.77
CA ILE C 131 0.83 26.78 -10.74
C ILE C 131 2.29 26.91 -10.28
N CYS C 132 2.51 26.91 -8.96
CA CYS C 132 3.87 27.03 -8.45
C CYS C 132 4.58 25.71 -8.49
N GLY C 133 3.89 24.69 -8.01
CA GLY C 133 4.45 23.34 -7.99
C GLY C 133 4.96 22.90 -9.34
N VAL C 134 4.13 23.08 -10.36
CA VAL C 134 4.48 22.72 -11.73
C VAL C 134 5.64 23.63 -12.16
N GLY C 135 5.40 24.95 -12.13
CA GLY C 135 6.44 25.88 -12.51
C GLY C 135 7.75 25.49 -11.86
N LEU C 136 7.68 25.03 -10.61
CA LEU C 136 8.89 24.65 -9.89
C LEU C 136 9.58 23.41 -10.48
N VAL C 137 8.80 22.53 -11.12
CA VAL C 137 9.36 21.34 -11.72
C VAL C 137 10.02 21.72 -13.03
N LYS C 138 9.36 22.60 -13.77
CA LYS C 138 9.90 23.07 -15.06
C LYS C 138 11.22 23.76 -14.78
N ALA C 139 11.31 24.36 -13.60
CA ALA C 139 12.52 25.03 -13.20
C ALA C 139 13.63 24.03 -12.85
N PHE C 140 13.25 22.79 -12.57
CA PHE C 140 14.21 21.75 -12.20
C PHE C 140 14.73 21.01 -13.42
N MET C 141 13.84 20.79 -14.39
CA MET C 141 14.20 20.07 -15.61
C MET C 141 13.41 20.58 -16.81
N LYS C 142 13.74 21.79 -17.26
CA LYS C 142 13.06 22.38 -18.42
C LYS C 142 13.04 21.52 -19.70
N GLY C 143 14.20 21.00 -20.07
CA GLY C 143 14.28 20.17 -21.26
C GLY C 143 13.20 19.12 -21.35
N PRO C 144 13.35 18.01 -20.61
CA PRO C 144 12.38 16.92 -20.59
C PRO C 144 10.99 17.41 -20.22
N TYR C 145 10.92 18.45 -19.37
CA TYR C 145 9.62 18.97 -18.98
C TYR C 145 8.80 19.27 -20.21
N ASN C 146 9.35 20.11 -21.09
CA ASN C 146 8.66 20.51 -22.32
C ASN C 146 8.65 19.38 -23.33
N GLN C 147 9.74 18.64 -23.41
CA GLN C 147 9.83 17.57 -24.37
C GLN C 147 8.80 16.46 -24.17
N PHE C 148 8.27 16.32 -22.97
CA PHE C 148 7.31 15.24 -22.70
C PHE C 148 5.91 15.60 -22.16
N GLY C 149 5.18 16.45 -22.85
CA GLY C 149 3.81 16.79 -22.42
C GLY C 149 3.59 17.73 -21.25
N GLY C 150 4.65 18.09 -20.53
CA GLY C 150 4.52 19.00 -19.40
C GLY C 150 3.62 18.56 -18.27
N GLY C 151 3.24 17.29 -18.29
CA GLY C 151 2.38 16.77 -17.24
C GLY C 151 1.00 17.37 -17.22
N ALA C 152 0.54 17.76 -18.41
CA ALA C 152 -0.78 18.37 -18.59
C ALA C 152 -1.85 17.39 -19.04
N ASN C 153 -3.08 17.61 -18.62
CA ASN C 153 -4.14 16.73 -19.02
C ASN C 153 -4.62 17.20 -20.39
N SER C 154 -5.06 16.26 -21.21
CA SER C 154 -5.60 16.50 -22.56
C SER C 154 -6.16 15.17 -23.02
N VAL C 155 -6.96 15.17 -24.10
CA VAL C 155 -7.55 13.91 -24.57
C VAL C 155 -6.60 13.06 -25.41
N ALA C 156 -6.44 11.80 -25.03
CA ALA C 156 -5.55 10.87 -25.71
C ALA C 156 -6.14 10.34 -27.02
N LEU C 157 -5.27 10.09 -27.99
CA LEU C 157 -5.68 9.58 -29.29
C LEU C 157 -6.60 8.38 -29.20
N GLY C 158 -7.71 8.42 -29.93
CA GLY C 158 -8.63 7.30 -29.91
C GLY C 158 -9.73 7.43 -28.88
N TYR C 159 -9.88 8.63 -28.32
CA TYR C 159 -10.92 8.90 -27.32
C TYR C 159 -11.58 10.22 -27.66
N ASN C 160 -12.89 10.20 -27.90
CA ASN C 160 -13.62 11.43 -28.23
C ASN C 160 -13.95 12.26 -27.01
N LYS C 161 -13.86 13.58 -27.18
CA LYS C 161 -14.12 14.54 -26.11
C LYS C 161 -15.21 14.14 -25.11
N GLY C 162 -16.26 13.50 -25.61
CA GLY C 162 -17.34 13.10 -24.75
C GLY C 162 -16.96 12.03 -23.75
N THR C 163 -16.06 11.14 -24.14
CA THR C 163 -15.60 10.08 -23.27
C THR C 163 -14.71 10.73 -22.23
N ALA C 164 -13.88 11.66 -22.69
CA ALA C 164 -12.99 12.36 -21.80
C ALA C 164 -13.86 12.95 -20.70
N LEU C 165 -14.87 13.70 -21.10
CA LEU C 165 -15.78 14.32 -20.13
C LEU C 165 -16.44 13.29 -19.23
N GLY C 166 -16.76 12.13 -19.78
CA GLY C 166 -17.40 11.10 -18.99
C GLY C 166 -16.48 10.55 -17.93
N ALA C 167 -15.28 10.14 -18.36
CA ALA C 167 -14.27 9.61 -17.45
C ALA C 167 -14.06 10.54 -16.26
N GLU C 168 -13.86 11.83 -16.55
CA GLU C 168 -13.63 12.84 -15.52
C GLU C 168 -14.82 12.97 -14.57
N ILE C 169 -16.02 12.94 -15.13
CA ILE C 169 -17.21 13.06 -14.31
C ILE C 169 -17.28 11.88 -13.38
N ILE C 170 -17.30 10.69 -13.97
CA ILE C 170 -17.40 9.47 -13.21
C ILE C 170 -16.23 9.32 -12.24
N GLY C 171 -15.01 9.57 -12.71
CA GLY C 171 -13.85 9.44 -11.84
C GLY C 171 -13.96 10.27 -10.58
N THR C 172 -14.17 11.57 -10.77
CA THR C 172 -14.32 12.52 -9.67
C THR C 172 -15.43 12.10 -8.71
N PHE C 173 -16.46 11.50 -9.27
CA PHE C 173 -17.58 11.03 -8.47
C PHE C 173 -16.99 10.08 -7.42
N VAL C 174 -16.11 9.20 -7.88
CA VAL C 174 -15.47 8.23 -7.00
C VAL C 174 -14.71 8.96 -5.91
N LEU C 175 -13.91 9.96 -6.29
CA LEU C 175 -13.18 10.71 -5.29
C LEU C 175 -13.97 11.47 -4.24
N VAL C 176 -14.86 12.34 -4.70
CA VAL C 176 -15.84 13.02 -3.85
C VAL C 176 -16.69 12.09 -2.98
N TYR C 177 -17.41 11.16 -3.60
CA TYR C 177 -18.23 10.25 -2.82
C TYR C 177 -17.40 9.70 -1.64
N THR C 178 -16.11 9.39 -1.85
CA THR C 178 -15.30 8.87 -0.74
C THR C 178 -15.03 9.97 0.29
N VAL C 179 -14.84 11.21 -0.16
CA VAL C 179 -14.60 12.29 0.79
C VAL C 179 -15.76 12.36 1.77
N PHE C 180 -16.98 12.33 1.23
CA PHE C 180 -18.18 12.39 2.07
C PHE C 180 -18.21 11.21 3.00
N SER C 181 -17.89 10.04 2.47
CA SER C 181 -17.89 8.82 3.26
C SER C 181 -16.71 8.78 4.24
N ALA C 182 -15.80 9.74 4.15
CA ALA C 182 -14.64 9.79 5.03
C ALA C 182 -14.72 10.88 6.10
N THR C 183 -15.62 11.84 5.91
CA THR C 183 -15.79 12.93 6.88
C THR C 183 -16.25 12.46 8.26
N ASP C 184 -15.65 13.06 9.27
CA ASP C 184 -15.91 12.75 10.67
C ASP C 184 -17.06 13.58 11.25
N PRO C 185 -18.17 12.93 11.66
CA PRO C 185 -19.31 13.65 12.23
C PRO C 185 -19.03 14.47 13.49
N LYS C 186 -18.13 14.01 14.35
CA LYS C 186 -17.83 14.74 15.59
C LYS C 186 -16.47 15.44 15.67
N ARG C 187 -15.71 15.41 14.57
CA ARG C 187 -14.38 16.02 14.54
C ARG C 187 -14.21 16.95 13.33
N SER C 188 -13.95 18.22 13.59
CA SER C 188 -13.79 19.17 12.49
C SER C 188 -12.42 19.82 12.56
N ALA C 189 -12.07 20.56 11.50
CA ALA C 189 -10.77 21.25 11.42
C ALA C 189 -10.65 22.32 12.50
N ARG C 190 -9.50 23.00 12.54
CA ARG C 190 -9.18 23.90 13.64
C ARG C 190 -9.89 25.24 13.44
N ASP C 191 -10.61 25.70 14.48
CA ASP C 191 -11.33 26.98 14.43
C ASP C 191 -12.28 27.07 13.21
N SER C 192 -13.04 26.01 12.96
CA SER C 192 -13.94 25.97 11.86
C SER C 192 -14.92 24.79 11.98
N HIS C 193 -16.01 24.86 11.20
CA HIS C 193 -17.04 23.80 11.20
C HIS C 193 -16.70 22.72 10.15
N VAL C 194 -15.75 23.04 9.27
CA VAL C 194 -15.34 22.14 8.18
C VAL C 194 -14.99 20.76 8.76
N PRO C 195 -15.51 19.70 8.13
CA PRO C 195 -15.26 18.31 8.56
C PRO C 195 -13.84 17.78 8.33
N ILE C 196 -13.36 16.98 9.29
CA ILE C 196 -12.04 16.40 9.15
C ILE C 196 -12.17 15.11 8.33
N LEU C 197 -11.14 14.78 7.54
CA LEU C 197 -11.20 13.61 6.68
C LEU C 197 -10.26 12.47 7.02
N ALA C 198 -10.59 11.29 6.49
CA ALA C 198 -9.78 10.09 6.67
C ALA C 198 -8.99 9.97 5.37
N PRO C 199 -7.73 10.43 5.38
CA PRO C 199 -6.84 10.41 4.22
C PRO C 199 -6.60 9.10 3.49
N LEU C 200 -6.45 7.98 4.21
CA LEU C 200 -6.16 6.75 3.51
C LEU C 200 -7.19 6.43 2.41
N PRO C 201 -8.49 6.28 2.76
CA PRO C 201 -9.51 5.96 1.74
C PRO C 201 -9.47 6.94 0.58
N ILE C 202 -9.40 8.23 0.92
CA ILE C 202 -9.37 9.27 -0.09
C ILE C 202 -8.17 9.09 -1.01
N GLY C 203 -7.01 8.83 -0.41
CA GLY C 203 -5.79 8.61 -1.18
C GLY C 203 -5.99 7.49 -2.18
N PHE C 204 -6.47 6.34 -1.68
CA PHE C 204 -6.74 5.19 -2.52
C PHE C 204 -7.75 5.49 -3.61
N ALA C 205 -8.75 6.31 -3.31
CA ALA C 205 -9.74 6.66 -4.32
C ALA C 205 -9.03 7.32 -5.50
N VAL C 206 -8.11 8.24 -5.20
CA VAL C 206 -7.33 8.95 -6.23
C VAL C 206 -6.43 8.00 -6.99
N PHE C 207 -5.82 7.08 -6.25
CA PHE C 207 -4.95 6.08 -6.80
C PHE C 207 -5.73 5.25 -7.79
N MET C 208 -6.81 4.62 -7.31
CA MET C 208 -7.64 3.77 -8.15
C MET C 208 -8.05 4.45 -9.45
N VAL C 209 -8.69 5.61 -9.35
CA VAL C 209 -9.12 6.32 -10.54
C VAL C 209 -8.05 6.61 -11.60
N HIS C 210 -6.81 6.80 -11.17
CA HIS C 210 -5.70 7.06 -12.08
C HIS C 210 -5.42 5.79 -12.86
N LEU C 211 -5.40 4.66 -12.14
CA LEU C 211 -5.13 3.37 -12.77
C LEU C 211 -6.08 3.18 -13.92
N ALA C 212 -7.29 3.72 -13.80
CA ALA C 212 -8.26 3.56 -14.85
C ALA C 212 -8.31 4.71 -15.85
N THR C 213 -8.10 5.92 -15.36
CA THR C 213 -8.19 7.07 -16.23
C THR C 213 -6.93 7.57 -16.93
N ILE C 214 -5.75 7.29 -16.40
CA ILE C 214 -4.54 7.79 -17.05
C ILE C 214 -4.52 7.57 -18.57
N PRO C 215 -4.78 6.33 -18.98
CA PRO C 215 -4.80 5.99 -20.40
C PRO C 215 -5.70 6.92 -21.21
N ILE C 216 -6.77 7.41 -20.58
CA ILE C 216 -7.71 8.30 -21.24
C ILE C 216 -7.49 9.79 -21.53
N THR C 217 -7.29 10.57 -20.48
CA THR C 217 -6.76 11.93 -20.55
C THR C 217 -5.57 12.21 -19.65
N GLY C 218 -5.39 11.38 -18.62
CA GLY C 218 -4.71 11.64 -17.37
C GLY C 218 -5.67 11.06 -16.35
N THR C 219 -5.28 11.10 -15.09
CA THR C 219 -6.11 11.11 -13.88
C THR C 219 -6.11 12.63 -13.73
N GLY C 220 -7.22 13.26 -14.09
CA GLY C 220 -7.55 14.63 -13.73
C GLY C 220 -8.16 14.73 -12.34
N ILE C 221 -9.49 14.77 -12.29
CA ILE C 221 -10.21 14.88 -11.02
C ILE C 221 -9.65 16.01 -10.17
N ASN C 222 -9.02 16.99 -10.82
CA ASN C 222 -8.46 18.13 -10.13
C ASN C 222 -8.40 19.38 -11.00
N PRO C 223 -9.48 20.27 -10.85
CA PRO C 223 -9.38 21.46 -11.72
C PRO C 223 -8.05 22.18 -11.54
N ALA C 224 -7.62 22.31 -10.29
CA ALA C 224 -6.36 23.00 -9.98
C ALA C 224 -5.16 22.30 -10.61
N ARG C 225 -5.02 21.01 -10.36
CA ARG C 225 -3.92 20.21 -10.91
C ARG C 225 -3.87 20.24 -12.45
N SER C 226 -5.04 20.34 -13.08
CA SER C 226 -5.11 20.41 -14.55
C SER C 226 -4.72 21.82 -14.97
N PHE C 227 -5.31 22.82 -14.30
CA PHE C 227 -5.05 24.21 -14.60
C PHE C 227 -3.58 24.60 -14.42
N GLY C 228 -2.99 24.24 -13.28
CA GLY C 228 -1.60 24.58 -13.05
C GLY C 228 -0.68 24.02 -14.12
N ALA C 229 -1.00 22.82 -14.59
CA ALA C 229 -0.22 22.15 -15.63
C ALA C 229 -0.38 22.85 -16.97
N ALA C 230 -1.62 23.15 -17.33
CA ALA C 230 -1.90 23.82 -18.61
C ALA C 230 -1.20 25.16 -18.60
N VAL C 231 -1.32 25.87 -17.49
CA VAL C 231 -0.69 27.17 -17.34
C VAL C 231 0.79 27.14 -17.67
N ILE C 232 1.56 26.43 -16.85
CA ILE C 232 3.01 26.35 -17.05
C ILE C 232 3.44 25.72 -18.38
N PHE C 233 2.73 24.69 -18.84
CA PHE C 233 3.07 24.03 -20.11
C PHE C 233 2.65 25.00 -21.24
N ASN C 234 1.39 25.44 -21.16
CA ASN C 234 0.85 26.39 -22.11
C ASN C 234 0.88 25.94 -23.56
N SER C 235 -0.02 25.03 -23.90
CA SER C 235 -0.12 24.52 -25.26
C SER C 235 -1.53 24.70 -25.77
N ASN C 236 -1.68 25.14 -27.00
CA ASN C 236 -3.00 25.35 -27.58
C ASN C 236 -3.80 24.05 -27.52
N LYS C 237 -3.15 22.96 -27.90
CA LYS C 237 -3.80 21.65 -27.91
C LYS C 237 -4.25 21.31 -26.48
N VAL C 238 -3.45 21.69 -25.49
CA VAL C 238 -3.80 21.40 -24.10
C VAL C 238 -4.94 22.32 -23.69
N TRP C 239 -4.74 23.63 -23.83
CA TRP C 239 -5.75 24.61 -23.47
C TRP C 239 -7.11 24.34 -24.11
N ASP C 240 -7.12 23.64 -25.25
CA ASP C 240 -8.37 23.35 -25.93
C ASP C 240 -9.24 22.40 -25.10
N ASP C 241 -8.65 21.28 -24.68
CA ASP C 241 -9.34 20.25 -23.89
C ASP C 241 -9.54 20.63 -22.41
N GLN C 242 -8.71 21.55 -21.92
CA GLN C 242 -8.75 22.02 -20.53
C GLN C 242 -10.13 22.21 -19.89
N TRP C 243 -11.09 22.73 -20.65
CA TRP C 243 -12.43 22.95 -20.12
C TRP C 243 -13.04 21.68 -19.53
N ILE C 244 -12.73 20.54 -20.14
CA ILE C 244 -13.26 19.27 -19.68
C ILE C 244 -12.88 19.05 -18.22
N PHE C 245 -11.62 19.34 -17.93
CA PHE C 245 -11.04 19.16 -16.59
C PHE C 245 -11.55 20.06 -15.48
N TRP C 246 -12.57 20.86 -15.79
CA TRP C 246 -13.19 21.73 -14.80
C TRP C 246 -14.66 21.32 -14.66
N VAL C 247 -15.35 21.30 -15.80
CA VAL C 247 -16.74 20.86 -15.88
C VAL C 247 -16.94 19.42 -15.42
N GLY C 248 -16.07 18.52 -15.88
CA GLY C 248 -16.16 17.11 -15.52
C GLY C 248 -16.09 16.86 -14.02
N PRO C 249 -15.04 17.36 -13.34
CA PRO C 249 -14.92 17.16 -11.89
C PRO C 249 -16.05 17.81 -11.09
N PHE C 250 -16.46 19.02 -11.47
CA PHE C 250 -17.54 19.70 -10.74
C PHE C 250 -18.85 18.94 -10.82
N ILE C 251 -19.23 18.57 -12.04
CA ILE C 251 -20.46 17.82 -12.25
C ILE C 251 -20.36 16.55 -11.43
N GLY C 252 -19.19 15.92 -11.51
CA GLY C 252 -18.98 14.71 -10.73
C GLY C 252 -19.12 15.03 -9.26
N ALA C 253 -18.48 16.12 -8.84
CA ALA C 253 -18.51 16.58 -7.47
C ALA C 253 -19.94 16.70 -7.00
N ALA C 254 -20.71 17.53 -7.72
CA ALA C 254 -22.10 17.75 -7.40
C ALA C 254 -22.89 16.45 -7.19
N VAL C 255 -22.86 15.56 -8.19
CA VAL C 255 -23.58 14.29 -8.12
C VAL C 255 -23.26 13.41 -6.89
N ALA C 256 -21.97 13.31 -6.54
CA ALA C 256 -21.55 12.53 -5.37
C ALA C 256 -22.20 13.16 -4.16
N ALA C 257 -22.15 14.49 -4.12
CA ALA C 257 -22.73 15.27 -3.05
C ALA C 257 -24.23 14.95 -2.95
N ALA C 258 -24.92 15.06 -4.07
CA ALA C 258 -26.34 14.78 -4.11
C ALA C 258 -26.58 13.33 -3.71
N TYR C 259 -25.75 12.44 -4.23
CA TYR C 259 -25.87 11.02 -3.93
C TYR C 259 -25.74 10.75 -2.44
N HIS C 260 -24.72 11.33 -1.83
CA HIS C 260 -24.48 11.10 -0.41
C HIS C 260 -25.39 11.84 0.57
N GLN C 261 -25.75 13.06 0.23
CA GLN C 261 -26.61 13.87 1.10
C GLN C 261 -28.09 13.53 0.90
N TYR C 262 -28.50 13.53 -0.37
CA TYR C 262 -29.88 13.25 -0.72
C TYR C 262 -30.51 11.86 -0.81
N VAL C 263 -29.96 11.00 -1.66
CA VAL C 263 -30.30 9.56 -1.67
C VAL C 263 -29.65 8.60 -0.68
N LEU C 264 -28.93 9.10 0.32
CA LEU C 264 -28.30 8.24 1.32
C LEU C 264 -28.13 9.18 2.50
N ARG C 265 -27.19 8.85 3.38
CA ARG C 265 -27.04 9.37 4.75
C ARG C 265 -27.93 10.58 5.07
N PHE D 27 7.11 -28.17 29.27
CA PHE D 27 6.27 -29.35 28.92
C PHE D 27 5.11 -29.53 29.89
N ASP D 28 4.20 -28.56 29.91
CA ASP D 28 3.02 -28.59 30.78
C ASP D 28 2.04 -29.19 29.77
N LEU D 29 2.01 -30.53 29.72
CA LEU D 29 1.02 -31.35 29.01
C LEU D 29 -0.47 -31.10 29.28
N GLY D 30 -0.77 -30.19 30.21
CA GLY D 30 -2.13 -29.76 30.49
C GLY D 30 -2.82 -29.03 29.36
N GLU D 31 -2.04 -28.38 28.49
CA GLU D 31 -2.62 -27.65 27.36
C GLU D 31 -3.32 -28.60 26.38
N LEU D 32 -2.63 -29.67 25.95
CA LEU D 32 -3.20 -30.62 25.01
C LEU D 32 -4.68 -30.86 25.25
N LYS D 33 -5.06 -30.91 26.53
CA LYS D 33 -6.44 -31.15 26.94
C LYS D 33 -7.43 -30.05 26.58
N LEU D 34 -6.95 -28.81 26.55
CA LEU D 34 -7.80 -27.66 26.20
C LEU D 34 -8.33 -27.73 24.77
N TRP D 35 -9.59 -27.33 24.59
CA TRP D 35 -10.22 -27.36 23.27
C TRP D 35 -9.60 -26.32 22.32
N SER D 36 -9.42 -25.10 22.83
CA SER D 36 -8.86 -24.00 22.07
C SER D 36 -7.52 -24.36 21.46
N PHE D 37 -6.67 -25.06 22.22
CA PHE D 37 -5.35 -25.44 21.75
C PHE D 37 -5.36 -26.19 20.41
N TRP D 38 -6.38 -27.00 20.17
CA TRP D 38 -6.45 -27.73 18.90
C TRP D 38 -6.91 -26.84 17.74
N ARG D 39 -7.67 -25.80 18.07
CA ARG D 39 -8.14 -24.88 17.05
C ARG D 39 -6.96 -24.03 16.57
N ALA D 40 -6.12 -23.62 17.52
CA ALA D 40 -4.94 -22.81 17.25
C ALA D 40 -3.98 -23.48 16.29
N ALA D 41 -3.92 -24.81 16.35
CA ALA D 41 -3.03 -25.55 15.47
C ALA D 41 -3.70 -25.62 14.12
N ILE D 42 -5.02 -25.79 14.13
CA ILE D 42 -5.78 -25.89 12.89
C ILE D 42 -5.72 -24.61 12.06
N ALA D 43 -5.61 -23.47 12.75
CA ALA D 43 -5.54 -22.17 12.07
C ALA D 43 -4.18 -22.09 11.42
N GLU D 44 -3.15 -22.32 12.23
CA GLU D 44 -1.79 -22.28 11.76
C GLU D 44 -1.55 -23.21 10.58
N PHE D 45 -2.26 -24.33 10.56
CA PHE D 45 -2.10 -25.27 9.45
C PHE D 45 -2.71 -24.63 8.20
N ILE D 46 -3.98 -24.29 8.29
CA ILE D 46 -4.71 -23.69 7.17
C ILE D 46 -4.07 -22.39 6.70
N ALA D 47 -3.62 -21.59 7.65
CA ALA D 47 -2.98 -20.33 7.29
C ALA D 47 -1.84 -20.67 6.37
N THR D 48 -0.83 -21.34 6.91
CA THR D 48 0.33 -21.71 6.11
C THR D 48 -0.06 -22.42 4.82
N LEU D 49 -1.11 -23.23 4.86
CA LEU D 49 -1.49 -23.88 3.62
C LEU D 49 -1.79 -22.73 2.67
N LEU D 50 -2.67 -21.82 3.10
CA LEU D 50 -3.04 -20.66 2.29
C LEU D 50 -1.85 -19.80 1.88
N PHE D 51 -1.04 -19.40 2.87
CA PHE D 51 0.15 -18.59 2.64
C PHE D 51 1.04 -19.15 1.52
N LEU D 52 1.21 -20.47 1.53
CA LEU D 52 2.05 -21.12 0.53
C LEU D 52 1.39 -21.28 -0.82
N TYR D 53 0.09 -21.53 -0.85
CA TYR D 53 -0.61 -21.68 -2.12
C TYR D 53 -0.57 -20.40 -2.90
N ILE D 54 -1.09 -19.33 -2.30
CA ILE D 54 -1.13 -18.04 -2.96
C ILE D 54 0.26 -17.54 -3.35
N THR D 55 1.20 -17.52 -2.42
CA THR D 55 2.52 -17.01 -2.78
C THR D 55 3.14 -17.76 -3.93
N VAL D 56 3.33 -19.06 -3.73
CA VAL D 56 3.95 -19.90 -4.75
C VAL D 56 3.20 -19.94 -6.07
N ALA D 57 1.87 -19.95 -6.05
CA ALA D 57 1.13 -19.96 -7.30
C ALA D 57 1.53 -18.70 -8.08
N THR D 58 1.70 -17.61 -7.36
CA THR D 58 2.09 -16.32 -7.93
C THR D 58 3.50 -16.37 -8.55
N VAL D 59 4.49 -16.87 -7.79
CA VAL D 59 5.87 -17.03 -8.26
C VAL D 59 5.89 -17.69 -9.65
N ILE D 60 5.17 -18.80 -9.76
CA ILE D 60 5.07 -19.58 -10.98
C ILE D 60 4.40 -18.80 -12.12
N GLY D 61 3.21 -18.25 -11.82
CA GLY D 61 2.45 -17.50 -12.82
C GLY D 61 3.34 -16.46 -13.45
N HIS D 62 4.35 -16.05 -12.69
CA HIS D 62 5.28 -15.07 -13.18
C HIS D 62 6.23 -15.75 -14.16
N SER D 63 7.00 -16.72 -13.65
CA SER D 63 7.98 -17.45 -14.44
C SER D 63 7.55 -18.00 -15.80
N LYS D 64 6.34 -18.55 -15.86
CA LYS D 64 5.81 -19.12 -17.09
C LYS D 64 5.44 -18.07 -18.12
N GLU D 65 5.50 -16.80 -17.73
CA GLU D 65 5.12 -15.75 -18.65
C GLU D 65 6.11 -15.58 -19.79
N THR D 66 5.53 -15.60 -20.99
CA THR D 66 6.25 -15.46 -22.26
C THR D 66 6.54 -14.00 -22.62
N VAL D 67 5.51 -13.17 -22.58
CA VAL D 67 5.60 -11.75 -22.92
C VAL D 67 6.47 -10.95 -21.95
N VAL D 68 6.95 -9.80 -22.41
CA VAL D 68 7.77 -8.94 -21.57
C VAL D 68 6.84 -8.10 -20.69
N CYS D 69 7.23 -7.90 -19.44
CA CYS D 69 6.45 -7.18 -18.46
C CYS D 69 5.00 -7.61 -18.49
N GLY D 70 4.74 -8.81 -19.00
CA GLY D 70 3.38 -9.34 -19.08
C GLY D 70 2.88 -10.08 -17.85
N SER D 71 3.72 -10.17 -16.81
CA SER D 71 3.34 -10.84 -15.57
C SER D 71 3.23 -9.75 -14.52
N VAL D 72 3.17 -10.15 -13.25
CA VAL D 72 3.08 -9.18 -12.16
C VAL D 72 4.47 -8.70 -11.73
N GLY D 73 5.47 -9.48 -12.08
CA GLY D 73 6.85 -9.11 -11.76
C GLY D 73 7.34 -9.47 -10.37
N LEU D 74 8.65 -9.38 -10.17
CA LEU D 74 9.25 -9.69 -8.88
C LEU D 74 8.65 -8.82 -7.78
N LEU D 75 8.20 -7.62 -8.16
CA LEU D 75 7.58 -6.71 -7.20
C LEU D 75 6.23 -7.31 -6.81
N GLY D 76 5.55 -7.86 -7.81
CA GLY D 76 4.25 -8.50 -7.61
C GLY D 76 4.46 -9.63 -6.62
N ILE D 77 5.46 -10.46 -6.87
CA ILE D 77 5.75 -11.57 -5.98
C ILE D 77 5.92 -11.05 -4.54
N ALA D 78 6.80 -10.07 -4.35
CA ALA D 78 7.07 -9.47 -3.04
C ALA D 78 5.76 -9.12 -2.31
N TRP D 79 4.79 -8.55 -3.03
CA TRP D 79 3.53 -8.20 -2.40
C TRP D 79 2.87 -9.46 -1.91
N ALA D 80 2.79 -10.45 -2.80
CA ALA D 80 2.19 -11.74 -2.49
C ALA D 80 2.62 -12.22 -1.11
N PHE D 81 3.92 -12.17 -0.85
CA PHE D 81 4.49 -12.63 0.42
C PHE D 81 4.20 -11.78 1.67
N GLY D 82 4.36 -10.47 1.57
CA GLY D 82 4.10 -9.64 2.73
C GLY D 82 2.62 -9.31 2.88
N GLY D 83 1.91 -9.36 1.76
CA GLY D 83 0.50 -9.05 1.74
C GLY D 83 -0.32 -10.18 2.31
N MET D 84 0.02 -11.40 1.91
CA MET D 84 -0.68 -12.58 2.44
C MET D 84 -0.38 -12.63 3.92
N ILE D 85 0.89 -12.52 4.28
CA ILE D 85 1.25 -12.54 5.70
C ILE D 85 0.33 -11.59 6.45
N PHE D 86 0.18 -10.36 5.96
CA PHE D 86 -0.68 -9.34 6.58
C PHE D 86 -2.12 -9.78 6.73
N VAL D 87 -2.69 -10.30 5.64
CA VAL D 87 -4.07 -10.76 5.70
C VAL D 87 -4.13 -11.92 6.70
N LEU D 88 -3.26 -12.90 6.54
CA LEU D 88 -3.23 -14.07 7.44
C LEU D 88 -3.05 -13.68 8.91
N VAL D 89 -1.97 -12.98 9.24
CA VAL D 89 -1.80 -12.59 10.63
C VAL D 89 -3.04 -11.89 11.14
N TYR D 90 -3.81 -11.28 10.24
CA TYR D 90 -5.02 -10.61 10.67
C TYR D 90 -6.08 -11.65 11.01
N CYS D 91 -6.38 -12.55 10.05
CA CYS D 91 -7.39 -13.59 10.25
C CYS D 91 -7.13 -14.52 11.44
N THR D 92 -5.86 -14.83 11.70
CA THR D 92 -5.56 -15.76 12.79
C THR D 92 -4.99 -15.15 14.04
N ALA D 93 -4.76 -13.85 14.06
CA ALA D 93 -4.20 -13.23 15.26
C ALA D 93 -5.03 -13.66 16.47
N GLY D 94 -6.33 -13.36 16.41
CA GLY D 94 -7.21 -13.69 17.51
C GLY D 94 -7.41 -15.15 17.83
N ILE D 95 -6.98 -16.05 16.95
CA ILE D 95 -7.14 -17.48 17.22
C ILE D 95 -5.88 -18.13 17.72
N SER D 96 -4.87 -18.21 16.87
CA SER D 96 -3.61 -18.84 17.25
C SER D 96 -2.59 -17.80 17.68
N GLY D 97 -2.77 -16.58 17.16
CA GLY D 97 -1.84 -15.50 17.45
C GLY D 97 -1.13 -15.20 16.12
N GLY D 98 -1.67 -15.77 15.04
CA GLY D 98 -1.12 -15.57 13.71
C GLY D 98 0.35 -15.68 13.35
N HIS D 99 0.92 -16.88 13.52
CA HIS D 99 2.38 -17.05 13.38
C HIS D 99 2.77 -17.36 11.94
N ILE D 100 2.21 -18.44 11.40
CA ILE D 100 2.47 -18.88 10.04
C ILE D 100 3.98 -18.99 9.77
N ASN D 101 4.80 -19.02 10.83
CA ASN D 101 6.24 -19.17 10.65
C ASN D 101 7.03 -19.76 11.83
N PRO D 102 7.68 -20.91 11.62
CA PRO D 102 8.47 -21.58 12.66
C PRO D 102 9.37 -20.59 13.40
N ALA D 103 10.12 -19.78 12.64
CA ALA D 103 11.02 -18.81 13.24
C ALA D 103 10.29 -17.79 14.09
N VAL D 104 9.04 -17.48 13.74
CA VAL D 104 8.26 -16.51 14.51
C VAL D 104 7.83 -17.18 15.80
N THR D 105 7.56 -18.48 15.72
CA THR D 105 7.16 -19.22 16.90
C THR D 105 8.41 -19.38 17.76
N PHE D 106 9.46 -19.91 17.16
CA PHE D 106 10.73 -20.13 17.84
C PHE D 106 11.17 -18.92 18.67
N GLY D 107 11.16 -17.74 18.06
CA GLY D 107 11.57 -16.54 18.78
C GLY D 107 10.66 -16.21 19.93
N LEU D 108 9.35 -16.35 19.71
CA LEU D 108 8.38 -16.06 20.75
C LEU D 108 8.53 -17.08 21.88
N PHE D 109 9.01 -18.26 21.50
CA PHE D 109 9.24 -19.35 22.44
C PHE D 109 10.44 -19.02 23.34
N LEU D 110 11.52 -18.54 22.76
CA LEU D 110 12.69 -18.19 23.54
C LEU D 110 12.38 -17.02 24.48
N ALA D 111 11.26 -16.33 24.22
CA ALA D 111 10.82 -15.20 25.03
C ALA D 111 9.86 -15.72 26.11
N ARG D 112 9.51 -16.98 25.96
CA ARG D 112 8.63 -17.68 26.88
C ARG D 112 7.20 -17.15 26.88
N LYS D 113 6.75 -16.70 25.71
CA LYS D 113 5.37 -16.22 25.58
C LYS D 113 4.59 -17.35 24.92
N VAL D 114 5.28 -18.48 24.78
CA VAL D 114 4.71 -19.69 24.20
C VAL D 114 5.37 -20.91 24.86
N SER D 115 4.55 -21.88 25.25
CA SER D 115 5.00 -23.11 25.91
C SER D 115 5.68 -24.07 24.94
N LEU D 116 6.66 -24.82 25.44
CA LEU D 116 7.42 -25.78 24.63
C LEU D 116 6.48 -26.74 23.89
N LEU D 117 5.39 -27.09 24.54
CA LEU D 117 4.41 -27.98 23.96
C LEU D 117 3.74 -27.31 22.75
N ARG D 118 3.22 -26.11 22.99
CA ARG D 118 2.55 -25.31 21.97
C ARG D 118 3.44 -25.14 20.73
N ALA D 119 4.66 -24.65 20.95
CA ALA D 119 5.63 -24.42 19.87
C ALA D 119 5.81 -25.60 18.93
N LEU D 120 6.24 -26.73 19.48
CA LEU D 120 6.48 -27.95 18.70
C LEU D 120 5.26 -28.40 17.91
N VAL D 121 4.07 -28.07 18.43
CA VAL D 121 2.83 -28.43 17.76
C VAL D 121 2.66 -27.47 16.59
N TYR D 122 2.95 -26.20 16.84
CA TYR D 122 2.84 -25.15 15.83
C TYR D 122 3.79 -25.40 14.66
N MET D 123 5.08 -25.51 14.95
CA MET D 123 6.04 -25.77 13.89
C MET D 123 5.63 -26.97 13.03
N ILE D 124 4.93 -27.92 13.62
CA ILE D 124 4.51 -29.10 12.86
C ILE D 124 3.34 -28.78 11.93
N ALA D 125 2.38 -28.01 12.44
CA ALA D 125 1.20 -27.63 11.67
C ALA D 125 1.56 -26.70 10.50
N GLN D 126 2.54 -25.83 10.72
CA GLN D 126 2.99 -24.89 9.72
C GLN D 126 3.74 -25.69 8.66
N CYS D 127 4.48 -26.69 9.13
CA CYS D 127 5.26 -27.57 8.27
C CYS D 127 4.32 -28.35 7.36
N LEU D 128 3.28 -28.91 7.95
CA LEU D 128 2.28 -29.67 7.22
C LEU D 128 1.44 -28.69 6.42
N GLY D 129 1.34 -27.46 6.93
CA GLY D 129 0.58 -26.45 6.24
C GLY D 129 1.24 -26.12 4.92
N ALA D 130 2.53 -25.84 4.97
CA ALA D 130 3.30 -25.48 3.78
C ALA D 130 3.23 -26.53 2.68
N ILE D 131 3.66 -27.75 3.00
CA ILE D 131 3.68 -28.84 2.04
C ILE D 131 2.37 -29.07 1.28
N CYS D 132 1.23 -28.79 1.92
CA CYS D 132 -0.05 -28.98 1.26
C CYS D 132 -0.32 -27.74 0.43
N GLY D 133 0.16 -26.60 0.94
CA GLY D 133 -0.03 -25.34 0.24
C GLY D 133 0.68 -25.42 -1.10
N VAL D 134 1.97 -25.77 -1.04
CA VAL D 134 2.82 -25.90 -2.22
C VAL D 134 2.38 -27.10 -3.06
N GLY D 135 2.01 -28.19 -2.40
CA GLY D 135 1.57 -29.37 -3.11
C GLY D 135 0.35 -29.10 -3.97
N LEU D 136 -0.54 -28.25 -3.45
CA LEU D 136 -1.76 -27.91 -4.16
C LEU D 136 -1.46 -27.22 -5.49
N VAL D 137 -0.52 -26.27 -5.48
CA VAL D 137 -0.16 -25.56 -6.71
C VAL D 137 0.31 -26.52 -7.78
N LYS D 138 1.34 -27.32 -7.45
CA LYS D 138 1.89 -28.29 -8.40
C LYS D 138 0.77 -29.12 -9.03
N ALA D 139 -0.35 -29.23 -8.31
CA ALA D 139 -1.48 -29.99 -8.80
C ALA D 139 -2.31 -29.19 -9.82
N PHE D 140 -2.21 -27.86 -9.75
CA PHE D 140 -2.96 -26.99 -10.66
C PHE D 140 -2.15 -26.68 -11.91
N MET D 141 -0.83 -26.69 -11.78
CA MET D 141 0.05 -26.42 -12.90
C MET D 141 1.39 -27.13 -12.76
N LYS D 142 1.35 -28.46 -12.81
CA LYS D 142 2.56 -29.26 -12.69
C LYS D 142 3.56 -28.92 -13.79
N GLY D 143 3.03 -28.62 -14.98
CA GLY D 143 3.90 -28.28 -16.09
C GLY D 143 4.93 -27.22 -15.73
N PRO D 144 4.51 -25.96 -15.70
CA PRO D 144 5.39 -24.85 -15.36
C PRO D 144 5.88 -24.93 -13.92
N TYR D 145 5.18 -25.69 -13.08
CA TYR D 145 5.60 -25.82 -11.69
C TYR D 145 7.05 -26.34 -11.57
N ASN D 146 7.28 -27.58 -12.05
CA ASN D 146 8.61 -28.20 -12.02
C ASN D 146 9.57 -27.39 -12.88
N GLN D 147 9.11 -27.07 -14.09
CA GLN D 147 9.88 -26.33 -15.06
C GLN D 147 10.47 -25.00 -14.62
N PHE D 148 9.88 -24.36 -13.60
CA PHE D 148 10.38 -23.07 -13.16
C PHE D 148 10.58 -23.05 -11.66
N GLY D 149 11.57 -23.82 -11.19
CA GLY D 149 11.97 -23.78 -9.80
C GLY D 149 11.02 -24.30 -8.73
N GLY D 150 9.75 -24.48 -9.07
CA GLY D 150 8.79 -24.96 -8.09
C GLY D 150 8.75 -24.09 -6.85
N GLY D 151 9.13 -22.82 -7.01
CA GLY D 151 9.16 -21.90 -5.89
C GLY D 151 10.01 -22.43 -4.74
N ALA D 152 11.18 -22.96 -5.06
CA ALA D 152 12.09 -23.53 -4.06
C ALA D 152 13.33 -22.73 -3.73
N ASN D 153 13.47 -22.37 -2.46
CA ASN D 153 14.61 -21.60 -1.99
C ASN D 153 15.94 -22.34 -2.24
N SER D 154 16.95 -21.58 -2.67
CA SER D 154 18.29 -22.10 -2.93
C SER D 154 19.18 -20.89 -3.23
N VAL D 155 20.46 -20.99 -2.90
CA VAL D 155 21.40 -19.89 -3.14
C VAL D 155 21.49 -19.61 -4.65
N ALA D 156 21.66 -18.34 -5.01
CA ALA D 156 21.71 -17.94 -6.42
C ALA D 156 23.11 -17.83 -7.00
N LEU D 157 23.21 -18.10 -8.30
CA LEU D 157 24.49 -18.02 -8.98
C LEU D 157 25.18 -16.69 -8.72
N GLY D 158 26.34 -16.76 -8.08
CA GLY D 158 27.09 -15.55 -7.77
C GLY D 158 27.10 -15.23 -6.30
N TYR D 159 26.43 -16.04 -5.49
CA TYR D 159 26.39 -15.81 -4.05
C TYR D 159 26.89 -17.07 -3.33
N ASN D 160 27.88 -16.91 -2.45
CA ASN D 160 28.38 -18.05 -1.72
C ASN D 160 27.41 -18.38 -0.61
N LYS D 161 27.40 -19.63 -0.17
CA LYS D 161 26.52 -20.07 0.89
C LYS D 161 26.74 -19.22 2.15
N GLY D 162 27.95 -18.68 2.26
CA GLY D 162 28.26 -17.84 3.40
C GLY D 162 27.33 -16.65 3.44
N THR D 163 27.11 -16.06 2.27
CA THR D 163 26.22 -14.90 2.13
C THR D 163 24.76 -15.34 2.27
N ALA D 164 24.31 -16.28 1.44
CA ALA D 164 22.93 -16.75 1.50
C ALA D 164 22.50 -16.94 2.96
N LEU D 165 23.40 -17.40 3.82
CA LEU D 165 23.05 -17.60 5.23
C LEU D 165 23.02 -16.22 5.93
N GLY D 166 23.95 -15.35 5.57
CA GLY D 166 23.97 -14.04 6.19
C GLY D 166 22.70 -13.27 5.90
N ALA D 167 22.28 -13.26 4.63
CA ALA D 167 21.08 -12.57 4.21
C ALA D 167 19.90 -13.14 5.00
N GLU D 168 19.79 -14.46 4.96
CA GLU D 168 18.73 -15.16 5.66
C GLU D 168 18.64 -14.83 7.15
N ILE D 169 19.79 -14.74 7.81
CA ILE D 169 19.80 -14.43 9.24
C ILE D 169 19.23 -13.04 9.48
N ILE D 170 19.99 -12.04 9.00
CA ILE D 170 19.65 -10.62 9.13
C ILE D 170 18.24 -10.27 8.62
N GLY D 171 17.80 -10.94 7.57
CA GLY D 171 16.47 -10.67 7.05
C GLY D 171 15.41 -11.07 8.06
N THR D 172 15.60 -12.25 8.65
CA THR D 172 14.66 -12.79 9.65
C THR D 172 14.73 -12.01 10.95
N PHE D 173 15.81 -11.24 11.14
CA PHE D 173 15.95 -10.41 12.33
C PHE D 173 14.93 -9.28 12.21
N VAL D 174 14.79 -8.79 10.98
CA VAL D 174 13.85 -7.73 10.65
C VAL D 174 12.42 -8.22 10.89
N LEU D 175 12.11 -9.40 10.37
CA LEU D 175 10.79 -9.98 10.53
C LEU D 175 10.40 -10.11 12.00
N VAL D 176 11.19 -10.89 12.74
CA VAL D 176 10.96 -11.14 14.17
C VAL D 176 10.96 -9.88 15.03
N TYR D 177 11.98 -9.03 14.88
CA TYR D 177 12.04 -7.80 15.66
C TYR D 177 10.77 -6.98 15.41
N THR D 178 10.19 -7.07 14.21
CA THR D 178 8.95 -6.33 13.96
C THR D 178 7.91 -7.03 14.83
N VAL D 179 7.80 -8.35 14.66
CA VAL D 179 6.85 -9.17 15.41
C VAL D 179 6.80 -8.81 16.87
N PHE D 180 7.95 -8.74 17.52
CA PHE D 180 7.97 -8.37 18.94
C PHE D 180 7.45 -6.95 19.14
N SER D 181 7.89 -6.03 18.30
CA SER D 181 7.47 -4.64 18.40
C SER D 181 5.99 -4.45 18.11
N ALA D 182 5.36 -5.46 17.50
CA ALA D 182 3.94 -5.37 17.15
C ALA D 182 3.06 -6.26 18.02
N THR D 183 3.55 -6.65 19.20
CA THR D 183 2.78 -7.51 20.11
C THR D 183 1.99 -6.69 21.13
N ASP D 184 0.70 -6.97 21.21
CA ASP D 184 -0.16 -6.28 22.16
C ASP D 184 0.29 -6.71 23.56
N PRO D 185 0.72 -5.76 24.41
CA PRO D 185 1.18 -6.11 25.76
C PRO D 185 0.06 -6.66 26.67
N LYS D 186 -1.13 -6.09 26.55
CA LYS D 186 -2.28 -6.49 27.36
C LYS D 186 -3.06 -7.65 26.73
N ARG D 187 -3.85 -7.34 25.68
CA ARG D 187 -4.66 -8.35 24.98
C ARG D 187 -3.87 -9.53 24.41
N SER D 188 -4.37 -10.74 24.61
CA SER D 188 -3.70 -11.94 24.12
C SER D 188 -4.63 -12.85 23.32
N ALA D 189 -4.04 -13.85 22.68
CA ALA D 189 -4.81 -14.81 21.88
C ALA D 189 -5.89 -15.40 22.78
N ARG D 190 -7.03 -15.73 22.18
CA ARG D 190 -8.14 -16.31 22.93
C ARG D 190 -7.68 -17.49 23.79
N ASP D 191 -7.91 -17.41 25.09
CA ASP D 191 -7.52 -18.47 26.03
C ASP D 191 -6.04 -18.80 26.01
N SER D 192 -5.21 -17.82 26.32
CA SER D 192 -3.76 -18.02 26.36
C SER D 192 -3.00 -16.73 26.63
N HIS D 193 -1.73 -16.88 27.02
CA HIS D 193 -0.88 -15.73 27.29
C HIS D 193 0.10 -15.54 26.13
N VAL D 194 -0.44 -15.63 24.93
CA VAL D 194 0.30 -15.44 23.67
C VAL D 194 -0.25 -14.12 23.09
N PRO D 195 0.58 -13.07 23.06
CA PRO D 195 0.23 -11.73 22.56
C PRO D 195 -0.41 -11.61 21.17
N ILE D 196 -1.30 -10.62 21.03
CA ILE D 196 -1.97 -10.31 19.77
C ILE D 196 -0.95 -9.59 18.88
N LEU D 197 -0.90 -9.97 17.60
CA LEU D 197 0.02 -9.35 16.67
C LEU D 197 -0.70 -8.37 15.73
N ALA D 198 -0.23 -7.12 15.72
CA ALA D 198 -0.78 -6.08 14.85
C ALA D 198 -0.18 -6.44 13.49
N PRO D 199 -0.99 -6.99 12.59
CA PRO D 199 -0.57 -7.41 11.26
C PRO D 199 0.12 -6.47 10.27
N LEU D 200 -0.37 -5.24 10.12
CA LEU D 200 0.21 -4.36 9.12
C LEU D 200 1.74 -4.21 9.05
N PRO D 201 2.41 -3.97 10.20
CA PRO D 201 3.87 -3.82 10.22
C PRO D 201 4.60 -5.11 9.86
N ILE D 202 4.10 -6.22 10.37
CA ILE D 202 4.71 -7.50 10.10
C ILE D 202 4.61 -7.80 8.62
N GLY D 203 3.41 -7.67 8.06
CA GLY D 203 3.24 -7.95 6.65
C GLY D 203 4.21 -7.11 5.84
N PHE D 204 4.32 -5.84 6.17
CA PHE D 204 5.21 -4.97 5.44
C PHE D 204 6.64 -5.45 5.59
N ALA D 205 7.06 -5.72 6.82
CA ALA D 205 8.43 -6.19 7.08
C ALA D 205 8.75 -7.33 6.11
N VAL D 206 7.84 -8.30 6.01
CA VAL D 206 8.01 -9.43 5.10
C VAL D 206 8.20 -8.92 3.67
N PHE D 207 7.31 -8.02 3.26
CA PHE D 207 7.37 -7.44 1.93
C PHE D 207 8.76 -6.87 1.69
N MET D 208 9.21 -6.02 2.62
CA MET D 208 10.52 -5.39 2.51
C MET D 208 11.66 -6.40 2.37
N VAL D 209 11.80 -7.31 3.33
CA VAL D 209 12.86 -8.31 3.29
C VAL D 209 12.85 -9.11 1.99
N HIS D 210 11.68 -9.20 1.35
CA HIS D 210 11.59 -9.90 0.09
C HIS D 210 12.14 -9.02 -1.06
N LEU D 211 11.88 -7.73 -1.01
CA LEU D 211 12.37 -6.81 -2.07
C LEU D 211 13.89 -6.77 -2.13
N ALA D 212 14.54 -7.29 -1.09
CA ALA D 212 15.99 -7.25 -1.05
C ALA D 212 16.67 -8.62 -1.09
N THR D 213 16.00 -9.64 -0.56
CA THR D 213 16.59 -10.96 -0.53
C THR D 213 16.17 -11.87 -1.67
N ILE D 214 15.21 -11.45 -2.48
CA ILE D 214 14.76 -12.31 -3.58
C ILE D 214 15.87 -12.69 -4.53
N PRO D 215 16.65 -11.70 -4.96
CA PRO D 215 17.76 -11.94 -5.89
C PRO D 215 18.82 -12.86 -5.28
N ILE D 216 18.96 -12.81 -3.95
CA ILE D 216 19.94 -13.64 -3.27
C ILE D 216 19.52 -15.11 -3.26
N THR D 217 18.46 -15.41 -2.52
CA THR D 217 17.85 -16.74 -2.56
C THR D 217 16.33 -16.60 -2.48
N GLY D 218 15.74 -16.02 -3.52
CA GLY D 218 14.31 -15.82 -3.56
C GLY D 218 13.77 -15.34 -2.23
N THR D 219 12.82 -16.09 -1.67
CA THR D 219 12.23 -15.76 -0.38
C THR D 219 12.83 -16.63 0.72
N GLY D 220 12.58 -16.26 1.97
CA GLY D 220 13.11 -17.01 3.10
C GLY D 220 12.57 -16.56 4.44
N ILE D 221 13.44 -16.56 5.44
CA ILE D 221 13.06 -16.20 6.80
C ILE D 221 11.85 -16.98 7.27
N ASN D 222 11.62 -18.14 6.66
CA ASN D 222 10.50 -18.99 7.01
C ASN D 222 10.78 -20.47 6.75
N PRO D 223 11.38 -21.13 7.74
CA PRO D 223 11.70 -22.56 7.62
C PRO D 223 10.61 -23.40 6.97
N ALA D 224 9.38 -23.21 7.42
CA ALA D 224 8.25 -23.98 6.89
C ALA D 224 7.94 -23.64 5.43
N ARG D 225 8.24 -22.41 5.03
CA ARG D 225 7.99 -22.00 3.65
C ARG D 225 8.99 -22.76 2.77
N SER D 226 10.28 -22.62 3.07
CA SER D 226 11.33 -23.30 2.31
C SER D 226 11.14 -24.81 2.34
N PHE D 227 10.92 -25.34 3.54
CA PHE D 227 10.73 -26.78 3.71
C PHE D 227 9.58 -27.27 2.83
N GLY D 228 8.40 -26.70 3.00
CA GLY D 228 7.26 -27.12 2.19
C GLY D 228 7.56 -27.10 0.70
N ALA D 229 8.40 -26.16 0.30
CA ALA D 229 8.77 -26.02 -1.11
C ALA D 229 9.76 -27.10 -1.57
N ALA D 230 10.80 -27.34 -0.77
CA ALA D 230 11.81 -28.35 -1.11
C ALA D 230 11.20 -29.74 -1.28
N VAL D 231 10.25 -30.08 -0.42
CA VAL D 231 9.56 -31.35 -0.45
C VAL D 231 8.81 -31.60 -1.76
N ILE D 232 7.87 -30.74 -2.10
CA ILE D 232 7.09 -30.93 -3.32
C ILE D 232 7.87 -30.76 -4.62
N PHE D 233 8.99 -30.04 -4.55
CA PHE D 233 9.85 -29.83 -5.71
C PHE D 233 10.78 -31.02 -5.92
N ASN D 234 11.45 -31.42 -4.84
CA ASN D 234 12.35 -32.56 -4.88
C ASN D 234 13.72 -32.76 -5.51
N SER D 235 14.58 -31.75 -5.34
CA SER D 235 15.78 -31.55 -6.14
C SER D 235 17.02 -31.55 -5.24
N ASN D 236 18.02 -32.34 -5.59
CA ASN D 236 19.22 -32.45 -4.77
C ASN D 236 19.81 -31.06 -4.60
N LYS D 237 19.96 -30.36 -5.71
CA LYS D 237 20.50 -29.00 -5.70
C LYS D 237 19.77 -28.19 -4.62
N VAL D 238 18.44 -28.24 -4.65
CA VAL D 238 17.58 -27.54 -3.69
C VAL D 238 17.84 -28.04 -2.28
N TRP D 239 17.65 -29.34 -2.13
CA TRP D 239 17.83 -30.01 -0.86
C TRP D 239 19.18 -29.74 -0.22
N ASP D 240 20.19 -29.48 -1.05
CA ASP D 240 21.54 -29.23 -0.54
C ASP D 240 21.66 -27.94 0.28
N ASP D 241 21.10 -26.85 -0.23
CA ASP D 241 21.16 -25.56 0.44
C ASP D 241 20.10 -25.43 1.53
N GLN D 242 19.10 -26.32 1.47
CA GLN D 242 18.00 -26.33 2.41
C GLN D 242 18.31 -26.06 3.90
N TRP D 243 19.51 -26.39 4.36
CA TRP D 243 19.85 -26.19 5.78
C TRP D 243 19.95 -24.72 6.17
N ILE D 244 20.30 -23.88 5.20
CA ILE D 244 20.44 -22.44 5.43
C ILE D 244 19.11 -21.83 5.83
N PHE D 245 18.05 -22.31 5.18
CA PHE D 245 16.70 -21.82 5.42
C PHE D 245 16.06 -22.34 6.69
N TRP D 246 16.88 -22.96 7.53
CA TRP D 246 16.43 -23.45 8.84
C TRP D 246 17.34 -22.78 9.86
N VAL D 247 18.64 -22.84 9.61
CA VAL D 247 19.64 -22.29 10.54
C VAL D 247 19.63 -20.76 10.57
N GLY D 248 19.45 -20.14 9.40
CA GLY D 248 19.41 -18.70 9.31
C GLY D 248 18.19 -18.14 10.02
N PRO D 249 16.96 -18.49 9.57
CA PRO D 249 15.74 -18.01 10.20
C PRO D 249 15.76 -18.18 11.72
N PHE D 250 16.19 -19.34 12.20
CA PHE D 250 16.25 -19.62 13.64
C PHE D 250 17.30 -18.79 14.38
N ILE D 251 18.49 -18.62 13.79
CA ILE D 251 19.55 -17.82 14.41
C ILE D 251 19.13 -16.36 14.47
N GLY D 252 18.46 -15.90 13.42
CA GLY D 252 17.99 -14.53 13.41
C GLY D 252 16.94 -14.34 14.48
N ALA D 253 15.90 -15.17 14.44
CA ALA D 253 14.81 -15.11 15.42
C ALA D 253 15.38 -15.09 16.82
N ALA D 254 16.48 -15.81 17.01
CA ALA D 254 17.15 -15.87 18.31
C ALA D 254 17.67 -14.49 18.67
N VAL D 255 18.59 -13.98 17.86
CA VAL D 255 19.19 -12.67 18.06
C VAL D 255 18.12 -11.62 18.34
N ALA D 256 17.10 -11.62 17.49
CA ALA D 256 15.95 -10.72 17.59
C ALA D 256 15.38 -10.71 18.99
N ALA D 257 14.93 -11.88 19.45
CA ALA D 257 14.36 -12.02 20.78
C ALA D 257 15.33 -11.42 21.81
N ALA D 258 16.60 -11.77 21.67
CA ALA D 258 17.66 -11.28 22.55
C ALA D 258 17.61 -9.76 22.55
N TYR D 259 17.86 -9.18 21.39
CA TYR D 259 17.87 -7.73 21.22
C TYR D 259 16.63 -7.07 21.83
N HIS D 260 15.45 -7.64 21.57
CA HIS D 260 14.21 -7.06 22.08
C HIS D 260 13.96 -7.19 23.57
N GLN D 261 14.44 -8.27 24.18
CA GLN D 261 14.23 -8.48 25.61
C GLN D 261 15.45 -8.16 26.49
N TYR D 262 16.59 -8.71 26.11
CA TYR D 262 17.84 -8.53 26.86
C TYR D 262 18.43 -7.12 26.74
N VAL D 263 18.01 -6.34 25.74
CA VAL D 263 18.56 -5.00 25.55
C VAL D 263 17.57 -3.88 25.16
N LEU D 264 16.30 -4.06 25.46
CA LEU D 264 15.31 -3.05 25.11
C LEU D 264 14.07 -3.10 26.02
HG HG E . 12.09 -3.80 12.25
HG HG F . 26.15 12.13 11.63
HG HG G . 29.92 1.51 11.30
HG HG H . 3.45 16.64 3.85
HG HG I . -16.24 5.20 -3.21
HG HG J . -27.20 -12.12 -9.23
HG HG K . -27.53 -2.66 -15.37
HG HG L . -7.52 -15.18 5.25
HG HG M . -9.22 27.85 -8.97
HG HG N . 2.02 30.47 -8.15
HG HG O . 8.52 -27.64 10.91
HG HG P . 0.29 -31.61 3.93
#